data_4B82
#
_entry.id   4B82
#
_cell.length_a   80.460
_cell.length_b   111.858
_cell.length_c   226.930
_cell.angle_alpha   90.00
_cell.angle_beta   90.00
_cell.angle_gamma   90.00
#
_symmetry.space_group_name_H-M   'P 21 21 21'
#
loop_
_entity.id
_entity.type
_entity.pdbx_description
1 polymer ACETYLCHOLINESTERASE
2 non-polymer N-[2-(diethylamino)ethyl]-2-fluoranyl-benzenesulfonamide
3 non-polymer DI(HYDROXYETHYL)ETHER
4 non-polymer 'SULFATE ION'
5 non-polymer 2-acetamido-2-deoxy-beta-D-glucopyranose
6 water water
#
_entity_poly.entity_id   1
_entity_poly.type   'polypeptide(L)'
_entity_poly.pdbx_seq_one_letter_code
;EGREDPQLLVRVRGGQLRGIRLKAPGGPVSAFLGIPFAEPPVGSRRFMPPEPKRPWSGVLDATTFQNVCYQYVDTLYPGF
EGTEMWNPNRELSEDCLYLNVWTPYPRPASPTPVLIWIYGGGFYSGAASLDVYDGRFLAQVEGAVLVSMNYRVGTFGFLA
LPGSREAPGNVGLLDQRLALQWVQENIAAFGGDPMSVTLFGESAGAASVGMHILSLPSRSLFHRAVLQSGTPNGPWATVS
AGEARRRATLLARLVGCPPGGAGGNDTELIACLRTRPAQDLVDHEWHVLPQESIFRFSFVPVVDGDFLSDTPEALINTGD
FQDLQVLVGVVKDEGSYFLVYGVPGFSKDNESLISRAQFLAGVRIGVPQASDLAAEAVVLHYTDWLHPEDPTHLRDAMSA
VVGDHNVVCPVAQLAGRLAAQGARVYAYIFEHRASTLTWPLWMGVPHGYEIEFIFGLPLDPSLNYTTEERIFAQRLMKYW
TNFARTGDPNDPRDSKSPQWPPYTTAAQQYVSLNLKPLEVRRGLRAQTCAFWNRFLPKLLSATATEAP
;
_entity_poly.pdbx_strand_id   A,B
#
loop_
_chem_comp.id
_chem_comp.type
_chem_comp.name
_chem_comp.formula
B3Z non-polymer N-[2-(diethylamino)ethyl]-2-fluoranyl-benzenesulfonamide 'C12 H19 F N2 O2 S'
NAG D-saccharide, beta linking 2-acetamido-2-deoxy-beta-D-glucopyranose 'C8 H15 N O6'
PEG non-polymer DI(HYDROXYETHYL)ETHER 'C4 H10 O3'
SO4 non-polymer 'SULFATE ION' 'O4 S -2'
#
# COMPACT_ATOMS: atom_id res chain seq x y z
N GLU A 1 -33.27 -60.07 8.72
CA GLU A 1 -33.20 -59.79 7.29
C GLU A 1 -33.85 -60.92 6.48
N GLY A 2 -34.00 -60.68 5.18
CA GLY A 2 -34.66 -61.63 4.31
C GLY A 2 -35.80 -60.99 3.54
N ARG A 3 -36.46 -60.03 4.19
CA ARG A 3 -37.57 -59.31 3.58
C ARG A 3 -37.18 -57.87 3.28
N GLU A 4 -35.91 -57.54 3.46
CA GLU A 4 -35.43 -56.17 3.30
C GLU A 4 -34.55 -56.00 2.06
N ASP A 5 -34.25 -54.75 1.71
CA ASP A 5 -33.37 -54.44 0.58
C ASP A 5 -31.96 -54.99 0.84
N PRO A 6 -31.56 -56.01 0.08
CA PRO A 6 -30.26 -56.67 0.27
C PRO A 6 -29.09 -55.77 -0.13
N GLN A 7 -29.39 -54.66 -0.78
CA GLN A 7 -28.35 -53.76 -1.25
CA GLN A 7 -28.38 -53.72 -1.27
C GLN A 7 -28.06 -52.64 -0.23
N LEU A 8 -28.77 -52.68 0.89
CA LEU A 8 -28.57 -51.70 1.95
C LEU A 8 -27.94 -52.31 3.20
N LEU A 9 -27.44 -53.54 3.06
CA LEU A 9 -26.85 -54.27 4.18
C LEU A 9 -25.33 -54.36 4.05
N VAL A 10 -24.63 -53.81 5.04
CA VAL A 10 -23.17 -53.73 5.01
C VAL A 10 -22.58 -54.05 6.39
N ARG A 11 -21.48 -54.80 6.41
CA ARG A 11 -20.76 -55.04 7.66
C ARG A 11 -19.48 -54.21 7.71
N VAL A 12 -19.23 -53.60 8.86
CA VAL A 12 -17.96 -52.93 9.13
C VAL A 12 -17.28 -53.58 10.35
N ARG A 13 -16.09 -53.10 10.70
CA ARG A 13 -15.30 -53.66 11.80
C ARG A 13 -16.08 -53.79 13.11
N GLY A 14 -16.99 -52.85 13.35
CA GLY A 14 -17.78 -52.86 14.56
C GLY A 14 -19.04 -53.70 14.49
N GLY A 15 -19.44 -54.06 13.28
CA GLY A 15 -20.61 -54.91 13.11
C GLY A 15 -21.44 -54.58 11.89
N GLN A 16 -22.68 -55.08 11.86
CA GLN A 16 -23.56 -54.89 10.72
C GLN A 16 -24.32 -53.57 10.74
N LEU A 17 -24.52 -53.00 9.56
CA LEU A 17 -25.23 -51.74 9.39
C LEU A 17 -26.37 -51.91 8.40
N ARG A 18 -27.43 -51.13 8.58
CA ARG A 18 -28.48 -51.05 7.57
CA ARG A 18 -28.53 -51.05 7.62
C ARG A 18 -28.69 -49.61 7.16
N GLY A 19 -28.45 -49.34 5.89
CA GLY A 19 -28.57 -48.00 5.36
C GLY A 19 -29.94 -47.72 4.79
N ILE A 20 -30.05 -46.61 4.08
CA ILE A 20 -31.32 -46.22 3.49
C ILE A 20 -31.14 -45.81 2.03
N ARG A 21 -32.12 -46.17 1.20
CA ARG A 21 -32.15 -45.77 -0.20
C ARG A 21 -32.77 -44.39 -0.31
N LEU A 22 -31.98 -43.40 -0.71
CA LEU A 22 -32.47 -42.03 -0.87
C LEU A 22 -32.71 -41.71 -2.34
N LYS A 23 -33.68 -40.84 -2.60
CA LYS A 23 -33.87 -40.35 -3.96
C LYS A 23 -33.12 -39.05 -4.21
N ALA A 24 -32.32 -39.05 -5.27
CA ALA A 24 -31.69 -37.85 -5.80
C ALA A 24 -32.40 -37.59 -7.13
N PRO A 25 -32.25 -36.39 -7.71
CA PRO A 25 -33.02 -36.09 -8.93
C PRO A 25 -32.75 -37.06 -10.09
N GLY A 26 -31.52 -37.51 -10.26
CA GLY A 26 -31.17 -38.39 -11.36
C GLY A 26 -31.37 -39.86 -11.07
N GLY A 27 -31.58 -40.19 -9.80
CA GLY A 27 -31.81 -41.57 -9.40
C GLY A 27 -31.50 -41.79 -7.93
N PRO A 28 -31.51 -43.04 -7.48
CA PRO A 28 -31.31 -43.34 -6.06
C PRO A 28 -29.84 -43.36 -5.64
N VAL A 29 -29.60 -43.13 -4.35
CA VAL A 29 -28.27 -43.28 -3.76
C VAL A 29 -28.40 -44.07 -2.47
N SER A 30 -27.29 -44.64 -2.02
CA SER A 30 -27.25 -45.33 -0.73
C SER A 30 -26.73 -44.37 0.33
N ALA A 31 -27.40 -44.35 1.49
CA ALA A 31 -26.94 -43.53 2.61
C ALA A 31 -26.83 -44.34 3.88
N PHE A 32 -25.69 -44.25 4.54
CA PHE A 32 -25.49 -44.88 5.83
C PHE A 32 -25.17 -43.78 6.84
N LEU A 33 -26.21 -43.33 7.54
CA LEU A 33 -26.13 -42.15 8.39
C LEU A 33 -26.07 -42.50 9.87
N GLY A 34 -25.25 -41.78 10.63
CA GLY A 34 -25.17 -41.98 12.07
C GLY A 34 -24.39 -43.22 12.47
N ILE A 35 -23.34 -43.53 11.73
CA ILE A 35 -22.44 -44.63 12.11
C ILE A 35 -21.48 -44.18 13.20
N PRO A 36 -21.52 -44.85 14.37
CA PRO A 36 -20.61 -44.51 15.46
C PRO A 36 -19.17 -44.88 15.11
N PHE A 37 -18.23 -43.96 15.29
CA PHE A 37 -16.82 -44.28 15.05
C PHE A 37 -15.98 -44.18 16.32
N ALA A 38 -16.63 -43.79 17.41
CA ALA A 38 -15.96 -43.67 18.71
C ALA A 38 -16.90 -43.97 19.85
N GLU A 39 -16.33 -44.37 20.99
CA GLU A 39 -17.09 -44.42 22.23
C GLU A 39 -17.50 -43.00 22.58
N PRO A 40 -18.74 -42.83 23.05
CA PRO A 40 -19.26 -41.49 23.41
C PRO A 40 -18.33 -40.78 24.40
N PRO A 41 -17.80 -39.61 24.01
CA PRO A 41 -16.85 -38.87 24.84
C PRO A 41 -17.57 -38.14 25.96
N VAL A 42 -18.21 -38.89 26.85
CA VAL A 42 -19.06 -38.32 27.89
C VAL A 42 -18.52 -38.64 29.28
N GLY A 43 -18.99 -37.89 30.28
CA GLY A 43 -18.58 -38.11 31.65
C GLY A 43 -17.07 -37.97 31.84
N SER A 44 -16.45 -39.04 32.31
CA SER A 44 -15.00 -39.04 32.54
C SER A 44 -14.19 -38.91 31.26
N ARG A 45 -14.83 -39.13 30.12
CA ARG A 45 -14.16 -39.04 28.82
C ARG A 45 -14.20 -37.63 28.22
N ARG A 46 -14.83 -36.68 28.92
CA ARG A 46 -14.89 -35.31 28.42
C ARG A 46 -13.49 -34.72 28.42
N PHE A 47 -13.16 -34.00 27.35
CA PHE A 47 -11.83 -33.41 27.12
C PHE A 47 -10.76 -34.44 26.72
N MET A 48 -11.14 -35.73 26.69
CA MET A 48 -10.20 -36.81 26.40
C MET A 48 -10.15 -37.16 24.91
N PRO A 49 -8.99 -37.69 24.45
CA PRO A 49 -8.92 -38.21 23.09
C PRO A 49 -10.00 -39.29 22.89
N PRO A 50 -10.58 -39.37 21.68
CA PRO A 50 -11.65 -40.35 21.47
C PRO A 50 -11.11 -41.76 21.53
N GLU A 51 -11.94 -42.71 21.97
CA GLU A 51 -11.55 -44.11 21.87
C GLU A 51 -12.40 -44.77 20.79
N PRO A 52 -11.80 -45.65 20.00
CA PRO A 52 -12.51 -46.33 18.91
C PRO A 52 -13.78 -47.01 19.42
N LYS A 53 -14.85 -46.92 18.63
CA LYS A 53 -16.12 -47.55 18.99
C LYS A 53 -15.96 -49.04 19.17
N ARG A 54 -16.42 -49.57 20.30
CA ARG A 54 -16.39 -51.01 20.53
C ARG A 54 -17.51 -51.66 19.72
N PRO A 55 -17.23 -52.86 19.17
CA PRO A 55 -18.19 -53.58 18.32
C PRO A 55 -19.57 -53.75 18.98
N TRP A 56 -20.62 -53.62 18.18
CA TRP A 56 -21.99 -53.79 18.67
C TRP A 56 -22.57 -55.10 18.17
N SER A 57 -23.69 -55.53 18.74
CA SER A 57 -24.36 -56.76 18.31
C SER A 57 -25.64 -56.44 17.54
N GLY A 58 -25.95 -57.27 16.54
CA GLY A 58 -27.14 -57.06 15.73
C GLY A 58 -26.93 -56.05 14.62
N VAL A 59 -28.03 -55.65 13.98
CA VAL A 59 -27.97 -54.71 12.86
C VAL A 59 -28.25 -53.28 13.33
N LEU A 60 -27.21 -52.44 13.32
CA LEU A 60 -27.36 -51.04 13.71
C LEU A 60 -28.09 -50.26 12.62
N ASP A 61 -29.12 -49.52 13.01
CA ASP A 61 -29.87 -48.71 12.04
C ASP A 61 -29.08 -47.46 11.66
N ALA A 62 -28.63 -47.41 10.41
CA ALA A 62 -27.91 -46.26 9.89
C ALA A 62 -28.75 -45.50 8.88
N THR A 63 -29.98 -45.17 9.25
CA THR A 63 -30.92 -44.56 8.33
C THR A 63 -31.23 -43.09 8.63
N THR A 64 -30.73 -42.59 9.77
CA THR A 64 -30.98 -41.19 10.15
C THR A 64 -29.71 -40.54 10.72
N PHE A 65 -29.63 -39.23 10.59
CA PHE A 65 -28.51 -38.48 11.15
C PHE A 65 -28.50 -38.59 12.67
N GLN A 66 -27.31 -38.63 13.26
CA GLN A 66 -27.19 -38.69 14.71
C GLN A 66 -27.08 -37.31 15.35
N ASN A 67 -26.90 -37.28 16.68
CA ASN A 67 -26.80 -36.05 17.43
C ASN A 67 -25.70 -35.10 16.93
N VAL A 68 -25.90 -33.80 17.15
CA VAL A 68 -24.91 -32.79 16.82
C VAL A 68 -24.06 -32.54 18.07
N CYS A 69 -22.77 -32.32 17.90
CA CYS A 69 -21.90 -32.07 19.06
C CYS A 69 -22.34 -30.79 19.77
N TYR A 70 -22.30 -30.83 21.09
CA TYR A 70 -22.82 -29.72 21.90
C TYR A 70 -22.14 -28.42 21.52
N GLN A 71 -22.95 -27.38 21.33
CA GLN A 71 -22.44 -26.13 20.80
C GLN A 71 -23.38 -24.95 21.02
N TYR A 72 -22.82 -23.76 20.91
CA TYR A 72 -23.58 -22.52 20.92
C TYR A 72 -24.54 -22.48 19.71
N VAL A 73 -25.76 -22.02 19.95
CA VAL A 73 -26.74 -21.85 18.88
C VAL A 73 -26.92 -20.37 18.57
N ASP A 74 -26.92 -20.01 17.28
CA ASP A 74 -26.95 -18.60 16.90
C ASP A 74 -28.32 -17.95 17.11
N THR A 75 -28.31 -16.71 17.58
CA THR A 75 -29.53 -16.00 17.96
C THR A 75 -29.64 -14.63 17.28
N LEU A 76 -28.70 -14.29 16.42
CA LEU A 76 -28.67 -12.96 15.81
C LEU A 76 -29.94 -12.63 15.02
N TYR A 77 -30.29 -13.50 14.08
CA TYR A 77 -31.48 -13.28 13.27
C TYR A 77 -32.44 -14.48 13.34
N PRO A 78 -33.32 -14.50 14.35
CA PRO A 78 -34.33 -15.55 14.56
C PRO A 78 -35.23 -15.79 13.35
N GLY A 79 -35.29 -17.03 12.88
CA GLY A 79 -36.14 -17.39 11.76
C GLY A 79 -35.59 -17.01 10.39
N PHE A 80 -34.38 -16.45 10.39
CA PHE A 80 -33.75 -16.02 9.14
C PHE A 80 -32.92 -17.14 8.53
N GLU A 81 -33.26 -17.51 7.30
CA GLU A 81 -32.62 -18.63 6.61
C GLU A 81 -31.11 -18.49 6.50
N GLY A 82 -30.63 -17.26 6.35
CA GLY A 82 -29.22 -17.01 6.16
C GLY A 82 -28.35 -17.51 7.30
N THR A 83 -28.87 -17.41 8.51
CA THR A 83 -28.15 -17.88 9.70
C THR A 83 -28.59 -19.28 10.13
N GLU A 84 -29.90 -19.54 10.08
CA GLU A 84 -30.47 -20.79 10.57
C GLU A 84 -29.97 -22.02 9.80
N MET A 85 -29.60 -21.81 8.54
CA MET A 85 -29.07 -22.89 7.69
C MET A 85 -27.78 -23.48 8.24
N TRP A 86 -27.12 -22.74 9.12
CA TRP A 86 -25.87 -23.21 9.73
C TRP A 86 -26.11 -23.77 11.13
N ASN A 87 -27.33 -23.59 11.64
CA ASN A 87 -27.67 -24.03 13.00
C ASN A 87 -27.91 -25.54 13.10
N PRO A 88 -27.68 -26.12 14.30
CA PRO A 88 -27.89 -27.56 14.50
C PRO A 88 -29.29 -28.00 14.09
N ASN A 89 -29.38 -29.15 13.41
CA ASN A 89 -30.67 -29.65 12.95
C ASN A 89 -31.00 -31.02 13.56
N ARG A 90 -30.18 -31.44 14.51
CA ARG A 90 -30.46 -32.61 15.33
C ARG A 90 -30.17 -32.27 16.79
N GLU A 91 -30.48 -33.20 17.70
CA GLU A 91 -30.29 -32.97 19.12
C GLU A 91 -28.84 -32.68 19.48
N LEU A 92 -28.64 -31.67 20.33
CA LEU A 92 -27.31 -31.36 20.85
C LEU A 92 -26.97 -32.34 21.97
N SER A 93 -25.82 -33.00 21.82
CA SER A 93 -25.35 -33.94 22.84
C SER A 93 -23.84 -34.10 22.77
N GLU A 94 -23.24 -34.42 23.91
CA GLU A 94 -21.82 -34.78 23.94
C GLU A 94 -21.63 -36.15 23.30
N ASP A 95 -22.69 -36.95 23.29
CA ASP A 95 -22.72 -38.21 22.54
C ASP A 95 -22.98 -37.86 21.08
N CYS A 96 -21.93 -37.55 20.34
CA CYS A 96 -22.11 -37.02 18.98
C CYS A 96 -21.09 -37.52 17.97
N LEU A 97 -20.24 -38.47 18.36
CA LEU A 97 -19.19 -38.93 17.45
C LEU A 97 -19.71 -39.99 16.48
N TYR A 98 -20.36 -39.52 15.42
CA TYR A 98 -20.93 -40.39 14.40
C TYR A 98 -20.56 -39.86 13.02
N LEU A 99 -20.50 -40.74 12.02
CA LEU A 99 -20.19 -40.30 10.66
C LEU A 99 -21.21 -40.80 9.64
N ASN A 100 -21.17 -40.22 8.45
CA ASN A 100 -22.13 -40.53 7.42
C ASN A 100 -21.44 -40.93 6.12
N VAL A 101 -22.06 -41.84 5.38
CA VAL A 101 -21.52 -42.30 4.10
C VAL A 101 -22.60 -42.29 3.02
N TRP A 102 -22.35 -41.59 1.92
CA TRP A 102 -23.21 -41.65 0.74
C TRP A 102 -22.47 -42.40 -0.36
N THR A 103 -23.16 -43.31 -1.03
CA THR A 103 -22.58 -44.03 -2.17
C THR A 103 -23.64 -44.13 -3.27
N PRO A 104 -23.22 -44.44 -4.50
CA PRO A 104 -24.19 -44.78 -5.55
C PRO A 104 -25.11 -45.93 -5.15
N TYR A 105 -26.26 -46.05 -5.82
CA TYR A 105 -27.17 -47.17 -5.62
C TYR A 105 -27.45 -47.82 -6.98
N PRO A 106 -27.08 -49.10 -7.15
CA PRO A 106 -26.38 -49.93 -6.15
C PRO A 106 -24.93 -49.50 -5.98
N ARG A 107 -24.28 -50.00 -4.93
CA ARG A 107 -22.89 -49.61 -4.62
C ARG A 107 -21.94 -50.02 -5.75
N PRO A 108 -20.94 -49.16 -6.03
CA PRO A 108 -19.98 -49.43 -7.10
C PRO A 108 -19.28 -50.78 -6.94
N ALA A 109 -19.05 -51.49 -8.05
CA ALA A 109 -18.41 -52.80 -8.01
C ALA A 109 -16.88 -52.68 -8.01
N SER A 110 -16.38 -51.56 -8.52
CA SER A 110 -14.94 -51.30 -8.54
C SER A 110 -14.60 -50.19 -7.55
N PRO A 111 -13.39 -50.22 -6.99
CA PRO A 111 -12.96 -49.24 -5.97
C PRO A 111 -13.13 -47.80 -6.45
N THR A 112 -13.83 -46.99 -5.65
CA THR A 112 -14.19 -45.62 -6.04
C THR A 112 -13.52 -44.58 -5.13
N PRO A 113 -12.94 -43.53 -5.73
CA PRO A 113 -12.32 -42.46 -4.95
C PRO A 113 -13.27 -41.88 -3.90
N VAL A 114 -12.72 -41.57 -2.72
CA VAL A 114 -13.51 -41.13 -1.58
C VAL A 114 -13.27 -39.63 -1.30
N LEU A 115 -14.35 -38.89 -1.08
CA LEU A 115 -14.27 -37.51 -0.61
C LEU A 115 -14.69 -37.49 0.85
N ILE A 116 -13.88 -36.87 1.71
CA ILE A 116 -14.26 -36.73 3.12
C ILE A 116 -14.45 -35.26 3.48
N TRP A 117 -15.68 -34.90 3.83
CA TRP A 117 -16.01 -33.52 4.19
C TRP A 117 -15.78 -33.25 5.66
N ILE A 118 -15.12 -32.14 5.95
CA ILE A 118 -14.93 -31.67 7.32
C ILE A 118 -15.57 -30.28 7.44
N TYR A 119 -16.67 -30.17 8.19
CA TYR A 119 -17.39 -28.91 8.28
C TYR A 119 -16.61 -27.82 9.00
N GLY A 120 -16.94 -26.56 8.71
CA GLY A 120 -16.40 -25.44 9.44
C GLY A 120 -17.39 -24.96 10.50
N GLY A 121 -17.13 -23.77 11.03
CA GLY A 121 -17.96 -23.25 12.10
C GLY A 121 -17.11 -22.70 13.22
N GLY A 122 -15.93 -22.19 12.87
CA GLY A 122 -15.04 -21.54 13.82
C GLY A 122 -14.59 -22.41 14.98
N PHE A 123 -14.63 -23.73 14.78
CA PHE A 123 -14.25 -24.70 15.82
C PHE A 123 -15.17 -24.69 17.04
N TYR A 124 -16.26 -23.93 16.98
CA TYR A 124 -17.21 -23.89 18.10
C TYR A 124 -18.60 -24.40 17.70
N SER A 125 -18.78 -24.66 16.41
CA SER A 125 -20.09 -25.05 15.89
C SER A 125 -19.97 -25.89 14.62
N GLY A 126 -21.12 -26.36 14.12
CA GLY A 126 -21.14 -27.13 12.89
C GLY A 126 -21.71 -28.53 13.08
N ALA A 127 -22.10 -29.16 11.97
CA ALA A 127 -22.62 -30.52 11.98
C ALA A 127 -22.55 -31.10 10.58
N ALA A 128 -22.30 -32.40 10.47
CA ALA A 128 -22.22 -33.04 9.16
C ALA A 128 -23.60 -33.27 8.57
N SER A 129 -24.63 -33.00 9.37
CA SER A 129 -26.02 -33.28 8.99
C SER A 129 -26.75 -32.10 8.34
N LEU A 130 -26.06 -30.97 8.19
CA LEU A 130 -26.67 -29.79 7.59
C LEU A 130 -27.05 -30.06 6.13
N ASP A 131 -28.15 -29.45 5.68
CA ASP A 131 -28.64 -29.67 4.32
C ASP A 131 -27.64 -29.24 3.24
N VAL A 132 -26.82 -28.25 3.53
CA VAL A 132 -25.82 -27.78 2.56
C VAL A 132 -24.65 -28.76 2.39
N TYR A 133 -24.56 -29.75 3.28
CA TYR A 133 -23.52 -30.77 3.20
C TYR A 133 -24.09 -32.11 2.72
N ASP A 134 -25.29 -32.09 2.13
CA ASP A 134 -25.95 -33.30 1.63
C ASP A 134 -25.14 -33.96 0.51
N GLY A 135 -24.65 -35.17 0.76
CA GLY A 135 -23.76 -35.84 -0.18
C GLY A 135 -24.43 -36.61 -1.31
N ARG A 136 -25.75 -36.55 -1.42
CA ARG A 136 -26.47 -37.37 -2.39
C ARG A 136 -26.24 -36.98 -3.85
N PHE A 137 -25.96 -35.70 -4.10
CA PHE A 137 -25.80 -35.21 -5.47
C PHE A 137 -24.43 -35.60 -6.05
N LEU A 138 -23.38 -35.43 -5.24
CA LEU A 138 -22.04 -35.86 -5.64
C LEU A 138 -22.02 -37.38 -5.85
N ALA A 139 -22.69 -38.10 -4.97
CA ALA A 139 -22.78 -39.55 -5.07
C ALA A 139 -23.54 -39.99 -6.33
N GLN A 140 -24.67 -39.36 -6.61
CA GLN A 140 -25.51 -39.76 -7.74
C GLN A 140 -24.90 -39.33 -9.07
N VAL A 141 -24.56 -38.05 -9.18
CA VAL A 141 -24.10 -37.49 -10.45
C VAL A 141 -22.66 -37.88 -10.78
N GLU A 142 -21.78 -37.83 -9.79
CA GLU A 142 -20.36 -38.10 -10.01
C GLU A 142 -19.93 -39.50 -9.59
N GLY A 143 -20.83 -40.26 -9.00
CA GLY A 143 -20.52 -41.62 -8.58
C GLY A 143 -19.57 -41.66 -7.40
N ALA A 144 -19.48 -40.55 -6.68
CA ALA A 144 -18.55 -40.43 -5.57
C ALA A 144 -18.98 -41.24 -4.34
N VAL A 145 -18.00 -41.71 -3.57
CA VAL A 145 -18.26 -42.17 -2.21
C VAL A 145 -17.90 -41.00 -1.31
N LEU A 146 -18.90 -40.46 -0.60
CA LEU A 146 -18.69 -39.28 0.22
C LEU A 146 -18.88 -39.61 1.70
N VAL A 147 -17.92 -39.19 2.52
CA VAL A 147 -17.96 -39.42 3.95
C VAL A 147 -17.90 -38.08 4.68
N SER A 148 -18.70 -37.92 5.72
CA SER A 148 -18.62 -36.73 6.57
C SER A 148 -18.76 -37.15 8.03
N MET A 149 -17.96 -36.55 8.91
CA MET A 149 -17.98 -36.93 10.31
C MET A 149 -18.31 -35.74 11.22
N ASN A 150 -18.97 -36.02 12.34
CA ASN A 150 -19.08 -35.03 13.40
C ASN A 150 -17.80 -35.06 14.23
N TYR A 151 -17.35 -33.90 14.68
CA TYR A 151 -16.20 -33.82 15.58
C TYR A 151 -16.54 -32.80 16.66
N ARG A 152 -16.02 -33.03 17.86
CA ARG A 152 -16.27 -32.15 18.98
C ARG A 152 -15.78 -30.73 18.71
N VAL A 153 -16.59 -29.75 19.12
CA VAL A 153 -16.24 -28.34 18.94
C VAL A 153 -16.28 -27.62 20.28
N GLY A 154 -15.87 -26.36 20.30
CA GLY A 154 -15.88 -25.57 21.51
C GLY A 154 -14.97 -26.13 22.58
N THR A 155 -15.35 -25.95 23.84
CA THR A 155 -14.60 -26.47 24.96
C THR A 155 -14.43 -27.98 24.87
N PHE A 156 -15.52 -28.67 24.51
CA PHE A 156 -15.54 -30.12 24.44
C PHE A 156 -14.49 -30.68 23.49
N GLY A 157 -14.21 -29.95 22.41
CA GLY A 157 -13.25 -30.39 21.42
C GLY A 157 -11.88 -29.74 21.52
N PHE A 158 -11.81 -28.56 22.16
CA PHE A 158 -10.57 -27.80 22.09
C PHE A 158 -10.11 -27.09 23.38
N LEU A 159 -10.84 -27.27 24.49
CA LEU A 159 -10.31 -26.77 25.76
C LEU A 159 -9.05 -27.56 26.07
N ALA A 160 -7.98 -26.85 26.40
CA ALA A 160 -6.67 -27.47 26.55
C ALA A 160 -5.91 -26.91 27.74
N LEU A 161 -5.34 -27.82 28.52
CA LEU A 161 -4.31 -27.48 29.49
C LEU A 161 -3.06 -28.24 29.05
N PRO A 162 -2.25 -27.63 28.18
CA PRO A 162 -1.10 -28.28 27.54
C PRO A 162 -0.18 -28.98 28.53
N GLY A 163 0.16 -30.24 28.26
CA GLY A 163 0.99 -31.01 29.15
C GLY A 163 0.20 -31.93 30.06
N SER A 164 -1.08 -31.59 30.27
CA SER A 164 -1.93 -32.38 31.14
C SER A 164 -2.33 -33.70 30.49
N ARG A 165 -2.61 -34.69 31.32
CA ARG A 165 -3.12 -35.96 30.84
C ARG A 165 -4.62 -35.86 30.56
N GLU A 166 -5.32 -35.07 31.38
CA GLU A 166 -6.78 -35.06 31.39
C GLU A 166 -7.44 -34.08 30.41
N ALA A 167 -6.67 -33.12 29.89
CA ALA A 167 -7.14 -32.22 28.83
C ALA A 167 -5.98 -31.79 27.95
N PRO A 168 -5.46 -32.72 27.14
CA PRO A 168 -4.23 -32.51 26.38
C PRO A 168 -4.41 -31.57 25.19
N GLY A 169 -5.65 -31.29 24.82
CA GLY A 169 -5.95 -30.40 23.72
C GLY A 169 -6.12 -31.10 22.38
N ASN A 170 -6.68 -30.39 21.41
CA ASN A 170 -6.81 -30.88 20.03
C ASN A 170 -7.64 -32.16 19.84
N VAL A 171 -8.47 -32.51 20.82
CA VAL A 171 -9.22 -33.77 20.73
C VAL A 171 -10.27 -33.75 19.60
N GLY A 172 -10.72 -32.56 19.22
CA GLY A 172 -11.62 -32.43 18.08
C GLY A 172 -10.94 -32.85 16.78
N LEU A 173 -9.64 -32.53 16.67
CA LEU A 173 -8.84 -32.96 15.52
C LEU A 173 -8.57 -34.46 15.57
N LEU A 174 -8.42 -35.00 16.77
CA LEU A 174 -8.24 -36.44 16.94
C LEU A 174 -9.52 -37.19 16.57
N ASP A 175 -10.66 -36.57 16.80
CA ASP A 175 -11.94 -37.12 16.37
C ASP A 175 -11.96 -37.26 14.86
N GLN A 176 -11.59 -36.18 14.16
CA GLN A 176 -11.50 -36.19 12.71
C GLN A 176 -10.56 -37.31 12.24
N ARG A 177 -9.40 -37.40 12.90
CA ARG A 177 -8.39 -38.40 12.55
C ARG A 177 -8.90 -39.82 12.73
N LEU A 178 -9.65 -40.06 13.82
CA LEU A 178 -10.21 -41.38 14.08
C LEU A 178 -11.21 -41.76 12.98
N ALA A 179 -11.94 -40.77 12.49
CA ALA A 179 -12.86 -40.98 11.38
C ALA A 179 -12.10 -41.33 10.09
N LEU A 180 -10.96 -40.68 9.88
CA LEU A 180 -10.11 -40.99 8.73
C LEU A 180 -9.61 -42.42 8.80
N GLN A 181 -9.26 -42.86 10.00
CA GLN A 181 -8.80 -44.23 10.23
C GLN A 181 -9.93 -45.22 10.01
N TRP A 182 -11.14 -44.83 10.41
CA TRP A 182 -12.33 -45.65 10.19
C TRP A 182 -12.54 -45.89 8.70
N VAL A 183 -12.36 -44.84 7.90
CA VAL A 183 -12.48 -44.93 6.46
C VAL A 183 -11.43 -45.87 5.88
N GLN A 184 -10.20 -45.75 6.37
CA GLN A 184 -9.11 -46.62 5.91
C GLN A 184 -9.44 -48.11 6.11
N GLU A 185 -10.07 -48.45 7.23
CA GLU A 185 -10.39 -49.84 7.50
C GLU A 185 -11.68 -50.34 6.84
N ASN A 186 -12.70 -49.47 6.78
CA ASN A 186 -14.04 -49.92 6.41
C ASN A 186 -14.63 -49.46 5.08
N ILE A 187 -14.07 -48.41 4.48
CA ILE A 187 -14.69 -47.83 3.29
C ILE A 187 -14.77 -48.79 2.10
N ALA A 188 -13.88 -49.79 2.07
CA ALA A 188 -13.90 -50.79 0.99
C ALA A 188 -15.19 -51.61 1.02
N ALA A 189 -15.79 -51.73 2.19
CA ALA A 189 -17.04 -52.47 2.34
C ALA A 189 -18.20 -51.75 1.64
N PHE A 190 -18.00 -50.46 1.37
CA PHE A 190 -19.01 -49.63 0.70
C PHE A 190 -18.67 -49.42 -0.78
N GLY A 191 -17.54 -49.94 -1.22
CA GLY A 191 -17.10 -49.76 -2.60
C GLY A 191 -16.13 -48.60 -2.75
N GLY A 192 -15.75 -48.01 -1.62
CA GLY A 192 -14.80 -46.90 -1.63
C GLY A 192 -13.37 -47.38 -1.75
N ASP A 193 -12.50 -46.52 -2.28
CA ASP A 193 -11.09 -46.85 -2.43
C ASP A 193 -10.26 -46.11 -1.37
N PRO A 194 -9.77 -46.85 -0.36
CA PRO A 194 -8.99 -46.24 0.72
C PRO A 194 -7.63 -45.72 0.22
N MET A 195 -7.25 -46.12 -0.99
CA MET A 195 -6.00 -45.66 -1.60
C MET A 195 -6.18 -44.36 -2.38
N SER A 196 -7.42 -43.88 -2.42
CA SER A 196 -7.72 -42.60 -3.05
C SER A 196 -8.71 -41.81 -2.21
N VAL A 197 -8.18 -41.15 -1.18
CA VAL A 197 -9.00 -40.38 -0.24
C VAL A 197 -8.64 -38.91 -0.29
N THR A 198 -9.63 -38.07 -0.62
CA THR A 198 -9.42 -36.64 -0.71
C THR A 198 -10.20 -35.94 0.40
N LEU A 199 -9.50 -35.16 1.22
CA LEU A 199 -10.17 -34.36 2.25
C LEU A 199 -10.62 -33.03 1.65
N PHE A 200 -11.83 -32.60 1.98
CA PHE A 200 -12.23 -31.22 1.69
C PHE A 200 -13.03 -30.63 2.84
N GLY A 201 -12.87 -29.32 3.03
CA GLY A 201 -13.54 -28.62 4.11
C GLY A 201 -13.54 -27.13 3.86
N GLU A 202 -14.44 -26.43 4.54
CA GLU A 202 -14.54 -24.99 4.40
C GLU A 202 -14.35 -24.30 5.75
N SER A 203 -13.70 -23.14 5.74
CA SER A 203 -13.44 -22.37 6.96
C SER A 203 -12.62 -23.17 7.97
N ALA A 204 -13.15 -23.35 9.17
CA ALA A 204 -12.49 -24.15 10.20
C ALA A 204 -12.25 -25.60 9.75
N GLY A 205 -13.12 -26.09 8.87
CA GLY A 205 -12.93 -27.40 8.28
C GLY A 205 -11.73 -27.42 7.36
N ALA A 206 -11.54 -26.32 6.62
CA ALA A 206 -10.40 -26.18 5.75
C ALA A 206 -9.12 -26.07 6.56
N ALA A 207 -9.17 -25.30 7.63
CA ALA A 207 -8.05 -25.21 8.57
C ALA A 207 -7.72 -26.59 9.11
N SER A 208 -8.75 -27.36 9.44
CA SER A 208 -8.57 -28.74 9.92
C SER A 208 -7.84 -29.60 8.88
N VAL A 209 -8.28 -29.52 7.64
CA VAL A 209 -7.63 -30.25 6.54
C VAL A 209 -6.14 -29.91 6.51
N GLY A 210 -5.83 -28.63 6.68
CA GLY A 210 -4.45 -28.16 6.73
C GLY A 210 -3.68 -28.75 7.90
N MET A 211 -4.35 -28.91 9.04
CA MET A 211 -3.71 -29.50 10.22
C MET A 211 -3.29 -30.94 9.93
N HIS A 212 -4.16 -31.67 9.22
CA HIS A 212 -3.89 -33.07 8.91
C HIS A 212 -2.73 -33.20 7.93
N ILE A 213 -2.61 -32.24 7.03
CA ILE A 213 -1.46 -32.19 6.12
C ILE A 213 -0.17 -32.02 6.93
N LEU A 214 -0.26 -31.23 8.00
CA LEU A 214 0.92 -30.85 8.79
C LEU A 214 1.23 -31.80 9.96
N SER A 215 0.29 -32.67 10.29
CA SER A 215 0.48 -33.62 11.38
C SER A 215 0.84 -35.00 10.82
N LEU A 216 2.00 -35.52 11.23
CA LEU A 216 2.53 -36.78 10.70
C LEU A 216 1.58 -38.00 10.78
N PRO A 217 0.96 -38.26 11.95
CA PRO A 217 0.12 -39.46 12.00
C PRO A 217 -1.13 -39.41 11.10
N SER A 218 -1.51 -38.24 10.61
CA SER A 218 -2.65 -38.13 9.70
C SER A 218 -2.28 -38.41 8.24
N ARG A 219 -0.98 -38.42 7.95
CA ARG A 219 -0.50 -38.39 6.57
C ARG A 219 -0.72 -39.67 5.75
N SER A 220 -0.88 -40.80 6.41
CA SER A 220 -1.16 -42.05 5.69
C SER A 220 -2.67 -42.25 5.51
N LEU A 221 -3.45 -41.29 5.97
CA LEU A 221 -4.90 -41.44 6.00
C LEU A 221 -5.63 -40.73 4.85
N PHE A 222 -4.86 -40.07 3.99
CA PHE A 222 -5.42 -39.37 2.82
C PHE A 222 -4.32 -39.05 1.82
N HIS A 223 -4.71 -38.64 0.62
CA HIS A 223 -3.75 -38.50 -0.48
C HIS A 223 -3.82 -37.13 -1.14
N ARG A 224 -4.96 -36.47 -1.04
CA ARG A 224 -5.16 -35.14 -1.64
C ARG A 224 -6.03 -34.29 -0.71
N ALA A 225 -6.05 -32.99 -0.93
CA ALA A 225 -6.71 -32.08 0.00
C ALA A 225 -7.29 -30.84 -0.68
N VAL A 226 -8.45 -30.40 -0.20
CA VAL A 226 -9.07 -29.17 -0.70
C VAL A 226 -9.38 -28.24 0.48
N LEU A 227 -8.87 -27.02 0.43
CA LEU A 227 -9.08 -26.06 1.50
C LEU A 227 -9.88 -24.87 1.01
N GLN A 228 -11.16 -24.81 1.40
CA GLN A 228 -12.04 -23.73 0.95
C GLN A 228 -12.16 -22.64 2.02
N SER A 229 -11.61 -21.46 1.73
CA SER A 229 -11.73 -20.30 2.62
C SER A 229 -11.25 -20.54 4.05
N GLY A 230 -10.09 -21.18 4.19
CA GLY A 230 -9.55 -21.46 5.51
C GLY A 230 -8.20 -22.14 5.44
N THR A 231 -7.36 -21.87 6.44
CA THR A 231 -5.98 -22.35 6.45
C THR A 231 -5.55 -22.64 7.88
N PRO A 232 -4.54 -23.53 8.05
CA PRO A 232 -4.01 -23.76 9.40
C PRO A 232 -3.16 -22.57 9.86
N ASN A 233 -2.43 -21.96 8.93
CA ASN A 233 -1.73 -20.71 9.24
C ASN A 233 -2.74 -19.58 9.34
N GLY A 234 -2.31 -18.44 9.87
CA GLY A 234 -3.22 -17.30 10.01
C GLY A 234 -3.52 -16.97 11.46
N PRO A 235 -4.32 -15.92 11.69
CA PRO A 235 -4.52 -15.34 13.03
C PRO A 235 -5.56 -16.03 13.90
N TRP A 236 -6.42 -16.88 13.33
CA TRP A 236 -7.53 -17.45 14.10
C TRP A 236 -7.51 -18.97 14.31
N ALA A 237 -6.82 -19.69 13.43
CA ALA A 237 -6.93 -21.15 13.41
C ALA A 237 -6.21 -21.87 14.55
N THR A 238 -5.23 -21.22 15.15
CA THR A 238 -4.50 -21.81 16.28
C THR A 238 -4.26 -20.79 17.39
N VAL A 239 -4.01 -21.29 18.59
CA VAL A 239 -3.52 -20.46 19.69
C VAL A 239 -2.26 -21.11 20.25
N SER A 240 -1.44 -20.33 20.94
CA SER A 240 -0.25 -20.88 21.61
C SER A 240 -0.68 -21.73 22.80
N ALA A 241 0.26 -22.49 23.36
CA ALA A 241 -0.03 -23.30 24.54
C ALA A 241 -0.37 -22.42 25.74
N GLY A 242 0.38 -21.32 25.87
CA GLY A 242 0.17 -20.39 26.97
C GLY A 242 -1.18 -19.71 26.93
N GLU A 243 -1.64 -19.34 25.74
CA GLU A 243 -2.94 -18.70 25.58
C GLU A 243 -4.08 -19.70 25.78
N ALA A 244 -3.87 -20.94 25.34
CA ALA A 244 -4.87 -21.99 25.54
C ALA A 244 -5.03 -22.31 27.02
N ARG A 245 -3.90 -22.41 27.74
CA ARG A 245 -3.93 -22.60 29.17
C ARG A 245 -4.67 -21.44 29.84
N ARG A 246 -4.33 -20.22 29.43
CA ARG A 246 -4.93 -19.01 29.96
C ARG A 246 -6.46 -19.04 29.83
N ARG A 247 -6.94 -19.35 28.63
CA ARG A 247 -8.37 -19.36 28.35
C ARG A 247 -9.11 -20.48 29.09
N ALA A 248 -8.48 -21.63 29.22
CA ALA A 248 -9.10 -22.76 29.89
C ALA A 248 -9.27 -22.51 31.39
N THR A 249 -8.24 -21.94 32.01
CA THR A 249 -8.29 -21.67 33.45
C THR A 249 -9.28 -20.55 33.77
N LEU A 250 -9.36 -19.55 32.88
CA LEU A 250 -10.35 -18.49 33.04
C LEU A 250 -11.77 -19.04 32.92
N LEU A 251 -12.01 -19.87 31.91
CA LEU A 251 -13.32 -20.50 31.76
C LEU A 251 -13.67 -21.32 32.99
N ALA A 252 -12.70 -22.08 33.49
CA ALA A 252 -12.87 -22.84 34.72
C ALA A 252 -13.30 -21.96 35.89
N ARG A 253 -12.62 -20.83 36.03
CA ARG A 253 -12.97 -19.85 37.08
C ARG A 253 -14.42 -19.42 36.94
N LEU A 254 -14.82 -19.09 35.72
CA LEU A 254 -16.15 -18.54 35.44
C LEU A 254 -17.30 -19.51 35.75
N VAL A 255 -17.02 -20.81 35.69
CA VAL A 255 -18.04 -21.82 36.00
C VAL A 255 -17.87 -22.37 37.42
N GLY A 256 -17.00 -21.74 38.20
CA GLY A 256 -16.82 -22.12 39.59
C GLY A 256 -15.88 -23.27 39.85
N CYS A 257 -14.84 -23.39 39.02
CA CYS A 257 -13.84 -24.42 39.19
C CYS A 257 -12.45 -23.82 39.43
N ASN A 265 -3.17 -27.23 40.19
CA ASN A 265 -3.21 -28.64 39.81
C ASN A 265 -4.24 -28.90 38.71
N ASP A 266 -3.77 -29.29 37.53
CA ASP A 266 -4.64 -29.50 36.37
C ASP A 266 -5.70 -30.59 36.60
N THR A 267 -5.31 -31.68 37.25
CA THR A 267 -6.22 -32.81 37.49
C THR A 267 -7.49 -32.37 38.23
N GLU A 268 -7.33 -31.60 39.29
CA GLU A 268 -8.47 -31.12 40.08
C GLU A 268 -9.35 -30.16 39.30
N LEU A 269 -8.74 -29.26 38.53
CA LEU A 269 -9.47 -28.30 37.72
C LEU A 269 -10.33 -28.99 36.67
N ILE A 270 -9.73 -29.93 35.95
CA ILE A 270 -10.42 -30.66 34.89
C ILE A 270 -11.53 -31.56 35.46
N ALA A 271 -11.25 -32.18 36.60
CA ALA A 271 -12.24 -32.99 37.29
C ALA A 271 -13.47 -32.17 37.64
N CYS A 272 -13.25 -30.94 38.13
CA CYS A 272 -14.35 -30.02 38.41
C CYS A 272 -15.09 -29.65 37.12
N LEU A 273 -14.33 -29.39 36.06
CA LEU A 273 -14.92 -29.06 34.76
C LEU A 273 -15.84 -30.16 34.24
N ARG A 274 -15.47 -31.41 34.48
CA ARG A 274 -16.25 -32.56 34.02
C ARG A 274 -17.57 -32.72 34.77
N THR A 275 -17.66 -32.13 35.96
CA THR A 275 -18.89 -32.18 36.76
C THR A 275 -19.91 -31.14 36.27
N ARG A 276 -19.45 -30.19 35.46
CA ARG A 276 -20.29 -29.11 34.99
CA ARG A 276 -20.29 -29.11 34.99
C ARG A 276 -21.18 -29.52 33.82
N PRO A 277 -22.43 -29.04 33.81
CA PRO A 277 -23.37 -29.29 32.71
C PRO A 277 -22.80 -28.72 31.41
N ALA A 278 -23.02 -29.41 30.29
CA ALA A 278 -22.51 -28.97 29.00
C ALA A 278 -22.88 -27.52 28.68
N GLN A 279 -24.11 -27.14 29.00
CA GLN A 279 -24.60 -25.80 28.68
C GLN A 279 -23.88 -24.71 29.48
N ASP A 280 -23.44 -25.04 30.69
CA ASP A 280 -22.67 -24.08 31.51
C ASP A 280 -21.35 -23.70 30.84
N LEU A 281 -20.71 -24.65 30.18
CA LEU A 281 -19.46 -24.41 29.47
C LEU A 281 -19.71 -23.52 28.26
N VAL A 282 -20.79 -23.82 27.53
CA VAL A 282 -21.20 -23.02 26.38
C VAL A 282 -21.59 -21.59 26.78
N ASP A 283 -22.32 -21.47 27.88
CA ASP A 283 -22.77 -20.15 28.35
C ASP A 283 -21.62 -19.18 28.65
N HIS A 284 -20.42 -19.72 28.84
CA HIS A 284 -19.27 -18.91 29.24
C HIS A 284 -18.11 -18.91 28.26
N GLU A 285 -18.22 -19.70 27.19
CA GLU A 285 -17.08 -19.87 26.28
C GLU A 285 -16.65 -18.59 25.56
N TRP A 286 -17.55 -17.63 25.44
CA TRP A 286 -17.23 -16.40 24.72
C TRP A 286 -16.69 -15.28 25.61
N HIS A 287 -16.52 -15.58 26.88
CA HIS A 287 -16.05 -14.59 27.85
C HIS A 287 -14.53 -14.60 28.01
N VAL A 288 -13.85 -15.48 27.28
CA VAL A 288 -12.42 -15.71 27.51
C VAL A 288 -11.48 -15.11 26.45
N LEU A 289 -12.04 -14.51 25.41
CA LEU A 289 -11.23 -13.80 24.42
C LEU A 289 -10.55 -12.59 25.05
N PRO A 290 -9.26 -12.39 24.75
CA PRO A 290 -8.48 -11.30 25.36
C PRO A 290 -8.89 -9.90 24.89
N GLN A 291 -9.50 -9.80 23.71
CA GLN A 291 -10.00 -8.51 23.23
C GLN A 291 -11.38 -8.63 22.57
N GLU A 292 -12.08 -7.51 22.49
CA GLU A 292 -13.28 -7.40 21.67
C GLU A 292 -12.86 -7.66 20.22
N SER A 293 -13.51 -8.63 19.56
CA SER A 293 -13.05 -9.04 18.25
C SER A 293 -14.10 -9.73 17.40
N ILE A 294 -13.79 -9.89 16.11
CA ILE A 294 -14.54 -10.75 15.22
C ILE A 294 -13.55 -11.65 14.50
N PHE A 295 -14.04 -12.79 14.01
CA PHE A 295 -13.19 -13.81 13.38
C PHE A 295 -12.11 -14.30 14.36
N ARG A 296 -12.48 -14.38 15.63
CA ARG A 296 -11.65 -14.98 16.66
C ARG A 296 -12.52 -15.94 17.47
N PHE A 297 -11.99 -17.12 17.77
CA PHE A 297 -12.77 -18.13 18.46
C PHE A 297 -12.05 -18.63 19.70
N SER A 298 -12.78 -18.83 20.77
CA SER A 298 -12.18 -19.08 22.09
C SER A 298 -11.40 -20.38 22.18
N PHE A 299 -11.96 -21.45 21.62
CA PHE A 299 -11.34 -22.76 21.74
C PHE A 299 -11.07 -23.39 20.38
N VAL A 300 -9.80 -23.36 19.99
CA VAL A 300 -9.35 -23.74 18.66
C VAL A 300 -8.13 -24.65 18.81
N PRO A 301 -7.65 -25.27 17.71
CA PRO A 301 -6.42 -26.07 17.82
C PRO A 301 -5.27 -25.35 18.49
N VAL A 302 -4.47 -26.06 19.27
CA VAL A 302 -3.38 -25.46 20.02
C VAL A 302 -2.03 -25.95 19.48
N VAL A 303 -1.05 -25.05 19.36
CA VAL A 303 0.32 -25.44 18.99
C VAL A 303 0.95 -26.08 20.23
N ASP A 304 1.16 -27.39 20.18
N ASP A 304 1.16 -27.39 20.14
CA ASP A 304 1.48 -28.15 21.38
CA ASP A 304 1.37 -28.27 21.29
C ASP A 304 2.83 -28.84 21.33
C ASP A 304 2.79 -28.84 21.32
N GLY A 305 3.36 -29.04 20.13
CA GLY A 305 4.60 -29.77 19.98
C GLY A 305 4.25 -31.24 19.76
N ASP A 306 2.95 -31.53 19.77
CA ASP A 306 2.45 -32.89 19.60
C ASP A 306 1.72 -33.07 18.26
N PHE A 307 0.45 -32.69 18.20
CA PHE A 307 -0.31 -32.77 16.95
C PHE A 307 0.40 -31.92 15.90
N LEU A 308 0.76 -30.70 16.29
CA LEU A 308 1.57 -29.82 15.45
C LEU A 308 2.94 -29.64 16.12
N SER A 309 4.00 -30.01 15.41
CA SER A 309 5.35 -29.97 15.97
C SER A 309 5.88 -28.55 16.12
N ASP A 310 5.24 -27.61 15.41
CA ASP A 310 5.65 -26.21 15.42
C ASP A 310 4.44 -25.41 14.93
N THR A 311 4.59 -24.10 14.81
CA THR A 311 3.51 -23.29 14.24
C THR A 311 3.29 -23.72 12.79
N PRO A 312 2.03 -23.64 12.31
CA PRO A 312 1.75 -23.95 10.91
C PRO A 312 2.58 -23.09 9.98
N GLU A 313 2.82 -21.84 10.37
CA GLU A 313 3.67 -20.93 9.60
C GLU A 313 5.08 -21.49 9.39
N ALA A 314 5.65 -22.08 10.44
CA ALA A 314 6.97 -22.69 10.33
C ALA A 314 6.90 -23.98 9.52
N LEU A 315 5.84 -24.75 9.72
CA LEU A 315 5.71 -26.06 9.09
C LEU A 315 5.50 -26.01 7.56
N ILE A 316 4.77 -25.01 7.07
CA ILE A 316 4.59 -24.85 5.63
C ILE A 316 5.82 -24.21 4.97
N ASN A 317 6.82 -23.87 5.78
CA ASN A 317 8.01 -23.17 5.29
C ASN A 317 9.22 -24.09 5.12
N THR A 318 9.17 -25.28 5.70
CA THR A 318 10.33 -26.18 5.75
C THR A 318 10.04 -27.57 5.20
N GLY A 319 8.75 -27.91 5.10
CA GLY A 319 8.36 -29.23 4.68
C GLY A 319 8.75 -29.58 3.25
N ASP A 320 8.79 -30.87 2.97
CA ASP A 320 8.93 -31.36 1.59
C ASP A 320 7.57 -31.88 1.15
N PHE A 321 6.89 -31.11 0.31
CA PHE A 321 5.51 -31.42 -0.06
C PHE A 321 5.35 -31.86 -1.52
N GLN A 322 6.39 -32.48 -2.08
CA GLN A 322 6.34 -32.98 -3.46
C GLN A 322 5.19 -33.95 -3.69
N ASP A 323 4.86 -34.74 -2.67
CA ASP A 323 3.81 -35.75 -2.78
C ASP A 323 2.41 -35.15 -2.75
N LEU A 324 2.32 -33.86 -2.46
CA LEU A 324 1.03 -33.23 -2.19
C LEU A 324 0.37 -32.56 -3.39
N GLN A 325 -0.88 -32.93 -3.64
CA GLN A 325 -1.72 -32.20 -4.57
C GLN A 325 -2.81 -31.51 -3.74
N VAL A 326 -2.95 -30.21 -3.92
CA VAL A 326 -3.87 -29.45 -3.08
C VAL A 326 -4.62 -28.39 -3.89
N LEU A 327 -5.90 -28.24 -3.58
CA LEU A 327 -6.77 -27.26 -4.22
C LEU A 327 -7.24 -26.27 -3.16
N VAL A 328 -6.93 -25.00 -3.33
CA VAL A 328 -7.28 -23.97 -2.34
C VAL A 328 -8.03 -22.82 -2.99
N GLY A 329 -8.79 -22.06 -2.21
CA GLY A 329 -9.48 -20.91 -2.76
C GLY A 329 -10.31 -20.09 -1.80
N VAL A 330 -10.88 -19.01 -2.32
CA VAL A 330 -11.63 -18.05 -1.51
C VAL A 330 -12.90 -17.64 -2.24
N VAL A 331 -13.83 -17.02 -1.52
CA VAL A 331 -14.99 -16.40 -2.18
C VAL A 331 -14.75 -14.89 -2.30
N LYS A 332 -15.61 -14.22 -3.07
CA LYS A 332 -15.42 -12.80 -3.39
C LYS A 332 -15.43 -11.88 -2.17
N ASP A 333 -16.27 -12.18 -1.18
CA ASP A 333 -16.44 -11.30 -0.03
C ASP A 333 -16.32 -12.02 1.31
N GLU A 334 -15.11 -12.48 1.62
CA GLU A 334 -14.86 -13.27 2.82
C GLU A 334 -15.21 -12.56 4.12
N GLY A 335 -15.09 -11.23 4.14
CA GLY A 335 -15.25 -10.47 5.37
C GLY A 335 -16.66 -10.06 5.78
N SER A 336 -17.58 -9.96 4.81
CA SER A 336 -18.88 -9.35 5.06
C SER A 336 -19.73 -10.00 6.16
N TYR A 337 -19.80 -11.33 6.16
CA TYR A 337 -20.62 -12.08 7.13
C TYR A 337 -20.32 -11.68 8.58
N PHE A 338 -19.05 -11.44 8.87
CA PHE A 338 -18.60 -11.20 10.24
C PHE A 338 -18.89 -9.80 10.76
N LEU A 339 -19.07 -8.85 9.84
CA LEU A 339 -19.27 -7.45 10.22
C LEU A 339 -20.56 -7.24 11.01
N VAL A 340 -21.62 -7.94 10.64
CA VAL A 340 -22.91 -7.77 11.31
C VAL A 340 -22.95 -8.43 12.69
N TYR A 341 -21.89 -9.16 13.03
CA TYR A 341 -21.84 -9.87 14.31
C TYR A 341 -21.05 -9.13 15.39
N GLY A 342 -20.30 -8.11 15.00
CA GLY A 342 -19.43 -7.43 15.95
C GLY A 342 -19.06 -5.97 15.69
N VAL A 343 -19.19 -5.51 14.46
CA VAL A 343 -18.81 -4.12 14.14
C VAL A 343 -20.04 -3.20 14.08
N PRO A 344 -20.07 -2.17 14.95
CA PRO A 344 -21.16 -1.18 15.01
C PRO A 344 -21.34 -0.47 13.68
N GLY A 345 -22.59 -0.35 13.22
CA GLY A 345 -22.89 0.28 11.94
C GLY A 345 -23.24 -0.72 10.86
N PHE A 346 -22.98 -1.99 11.13
CA PHE A 346 -23.26 -3.05 10.17
C PHE A 346 -24.48 -3.88 10.54
N SER A 347 -25.31 -4.15 9.54
CA SER A 347 -26.54 -4.90 9.72
C SER A 347 -26.93 -5.54 8.41
N LYS A 348 -27.67 -6.64 8.47
CA LYS A 348 -28.19 -7.27 7.26
C LYS A 348 -29.42 -6.52 6.77
N ASP A 349 -29.97 -5.66 7.63
CA ASP A 349 -31.26 -5.03 7.37
C ASP A 349 -31.16 -3.60 6.83
N ASN A 350 -29.95 -3.05 6.73
CA ASN A 350 -29.73 -1.81 6.02
C ASN A 350 -28.49 -1.87 5.12
N GLU A 351 -28.18 -0.77 4.44
CA GLU A 351 -27.07 -0.76 3.49
C GLU A 351 -25.70 -0.69 4.18
N SER A 352 -25.71 -0.44 5.48
CA SER A 352 -24.50 -0.45 6.30
C SER A 352 -23.42 0.53 5.84
N LEU A 353 -23.84 1.69 5.35
CA LEU A 353 -22.89 2.76 5.06
C LEU A 353 -22.39 3.28 6.41
N ILE A 354 -21.07 3.32 6.59
CA ILE A 354 -20.51 3.69 7.89
C ILE A 354 -19.65 4.94 7.83
N SER A 355 -19.47 5.60 8.98
CA SER A 355 -18.61 6.77 9.09
C SER A 355 -17.14 6.35 9.15
N ARG A 356 -16.24 7.32 9.00
CA ARG A 356 -14.82 7.04 9.16
C ARG A 356 -14.50 6.61 10.59
N ALA A 357 -15.20 7.19 11.55
CA ALA A 357 -15.02 6.82 12.95
C ALA A 357 -15.42 5.35 13.19
N GLN A 358 -16.47 4.91 12.51
CA GLN A 358 -16.93 3.53 12.63
C GLN A 358 -15.94 2.58 11.95
N PHE A 359 -15.27 3.07 10.92
CA PHE A 359 -14.26 2.30 10.21
C PHE A 359 -13.02 2.08 11.08
N LEU A 360 -12.54 3.16 11.71
CA LEU A 360 -11.38 3.05 12.60
C LEU A 360 -11.66 2.10 13.76
N ALA A 361 -12.86 2.19 14.32
CA ALA A 361 -13.24 1.32 15.44
C ALA A 361 -13.36 -0.13 14.99
N GLY A 362 -13.88 -0.34 13.80
CA GLY A 362 -14.01 -1.68 13.25
C GLY A 362 -12.66 -2.34 12.99
N VAL A 363 -11.68 -1.53 12.59
CA VAL A 363 -10.32 -2.02 12.39
C VAL A 363 -9.72 -2.60 13.67
N ARG A 364 -9.95 -1.92 14.81
CA ARG A 364 -9.44 -2.42 16.09
C ARG A 364 -10.10 -3.75 16.45
N ILE A 365 -11.37 -3.91 16.08
CA ILE A 365 -12.13 -5.12 16.36
C ILE A 365 -11.77 -6.23 15.36
N GLY A 366 -11.55 -5.86 14.10
CA GLY A 366 -11.18 -6.81 13.07
C GLY A 366 -9.72 -7.25 13.15
N VAL A 367 -8.89 -6.41 13.75
CA VAL A 367 -7.49 -6.75 13.99
C VAL A 367 -7.15 -6.54 15.46
N PRO A 368 -7.68 -7.40 16.35
CA PRO A 368 -7.56 -7.20 17.80
C PRO A 368 -6.13 -7.30 18.35
N GLN A 369 -5.22 -7.94 17.61
CA GLN A 369 -3.83 -8.04 18.06
C GLN A 369 -3.04 -6.77 17.78
N ALA A 370 -3.60 -5.89 16.96
CA ALA A 370 -2.87 -4.71 16.47
C ALA A 370 -2.55 -3.68 17.54
N SER A 371 -1.31 -3.20 17.53
CA SER A 371 -0.93 -2.00 18.27
C SER A 371 -1.53 -0.81 17.54
N ASP A 372 -1.49 0.37 18.14
CA ASP A 372 -2.02 1.57 17.50
C ASP A 372 -1.37 1.83 16.14
N LEU A 373 -0.05 1.60 16.06
CA LEU A 373 0.69 1.85 14.83
C LEU A 373 0.29 0.88 13.72
N ALA A 374 0.12 -0.39 14.06
CA ALA A 374 -0.30 -1.40 13.10
C ALA A 374 -1.70 -1.12 12.56
N ALA A 375 -2.60 -0.74 13.47
CA ALA A 375 -3.96 -0.38 13.10
C ALA A 375 -3.96 0.81 12.16
N GLU A 376 -3.05 1.75 12.42
CA GLU A 376 -2.89 2.92 11.56
C GLU A 376 -2.42 2.51 10.17
N ALA A 377 -1.52 1.53 10.11
CA ALA A 377 -1.03 1.03 8.84
C ALA A 377 -2.16 0.40 8.03
N VAL A 378 -3.02 -0.35 8.71
CA VAL A 378 -4.17 -0.97 8.06
C VAL A 378 -5.12 0.10 7.51
N VAL A 379 -5.44 1.09 8.34
CA VAL A 379 -6.28 2.21 7.94
C VAL A 379 -5.66 2.97 6.75
N LEU A 380 -4.35 3.17 6.82
CA LEU A 380 -3.60 3.82 5.74
C LEU A 380 -3.78 3.06 4.42
N HIS A 381 -3.62 1.74 4.49
CA HIS A 381 -3.66 0.90 3.30
C HIS A 381 -5.05 0.84 2.68
N TYR A 382 -6.09 0.77 3.51
CA TYR A 382 -7.44 0.52 3.02
C TYR A 382 -8.28 1.77 2.75
N THR A 383 -7.81 2.92 3.23
CA THR A 383 -8.49 4.18 2.95
C THR A 383 -8.31 4.58 1.49
N ASP A 384 -9.39 5.03 0.84
CA ASP A 384 -9.30 5.70 -0.44
C ASP A 384 -9.04 7.18 -0.17
N TRP A 385 -7.81 7.63 -0.33
CA TRP A 385 -7.44 8.99 0.05
C TRP A 385 -8.01 10.07 -0.87
N LEU A 386 -8.66 9.65 -1.95
CA LEU A 386 -9.40 10.57 -2.80
C LEU A 386 -10.79 10.82 -2.20
N HIS A 387 -11.29 9.82 -1.48
CA HIS A 387 -12.59 9.90 -0.81
C HIS A 387 -12.49 9.23 0.57
N PRO A 388 -11.73 9.84 1.49
CA PRO A 388 -11.41 9.16 2.76
C PRO A 388 -12.60 8.98 3.68
N GLU A 389 -13.69 9.71 3.44
CA GLU A 389 -14.87 9.64 4.29
C GLU A 389 -16.09 9.06 3.58
N ASP A 390 -15.91 8.55 2.37
CA ASP A 390 -17.03 7.97 1.62
C ASP A 390 -17.53 6.68 2.29
N PRO A 391 -18.79 6.71 2.74
CA PRO A 391 -19.39 5.64 3.56
C PRO A 391 -19.48 4.29 2.84
N THR A 392 -19.74 4.32 1.53
CA THR A 392 -19.81 3.10 0.73
C THR A 392 -18.44 2.44 0.64
N HIS A 393 -17.41 3.23 0.38
CA HIS A 393 -16.06 2.68 0.32
C HIS A 393 -15.59 2.15 1.67
N LEU A 394 -15.87 2.91 2.73
CA LEU A 394 -15.48 2.51 4.08
C LEU A 394 -16.12 1.18 4.46
N ARG A 395 -17.40 1.02 4.13
CA ARG A 395 -18.11 -0.23 4.39
C ARG A 395 -17.42 -1.39 3.68
N ASP A 396 -17.16 -1.23 2.38
CA ASP A 396 -16.52 -2.28 1.59
C ASP A 396 -15.07 -2.51 2.02
N ALA A 397 -14.39 -1.44 2.45
CA ALA A 397 -13.02 -1.56 2.94
C ALA A 397 -12.96 -2.34 4.25
N MET A 398 -13.95 -2.11 5.12
CA MET A 398 -14.03 -2.84 6.37
C MET A 398 -14.17 -4.34 6.10
N SER A 399 -15.02 -4.67 5.15
CA SER A 399 -15.19 -6.06 4.72
C SER A 399 -13.88 -6.64 4.20
N ALA A 400 -13.22 -5.88 3.33
CA ALA A 400 -11.95 -6.31 2.76
C ALA A 400 -10.87 -6.53 3.83
N VAL A 401 -10.80 -5.65 4.81
CA VAL A 401 -9.85 -5.81 5.92
C VAL A 401 -10.02 -7.17 6.58
N VAL A 402 -11.25 -7.50 6.96
CA VAL A 402 -11.53 -8.73 7.68
C VAL A 402 -11.30 -9.96 6.80
N GLY A 403 -11.75 -9.87 5.55
CA GLY A 403 -11.60 -10.97 4.61
C GLY A 403 -10.17 -11.26 4.20
N ASP A 404 -9.40 -10.21 3.92
CA ASP A 404 -8.00 -10.37 3.51
C ASP A 404 -7.16 -10.89 4.67
N HIS A 405 -7.32 -10.29 5.84
CA HIS A 405 -6.53 -10.62 7.02
C HIS A 405 -6.74 -12.06 7.46
N ASN A 406 -7.99 -12.50 7.47
CA ASN A 406 -8.34 -13.80 8.02
C ASN A 406 -8.37 -14.94 7.01
N VAL A 407 -8.62 -14.63 5.75
CA VAL A 407 -8.79 -15.68 4.75
C VAL A 407 -7.91 -15.54 3.51
N VAL A 408 -8.11 -14.45 2.76
CA VAL A 408 -7.46 -14.31 1.45
C VAL A 408 -5.94 -14.37 1.52
N CYS A 409 -5.36 -13.61 2.44
CA CYS A 409 -3.89 -13.58 2.55
C CYS A 409 -3.27 -14.81 3.21
N PRO A 410 -3.94 -15.40 4.22
CA PRO A 410 -3.45 -16.71 4.67
C PRO A 410 -3.55 -17.78 3.58
N VAL A 411 -4.59 -17.74 2.75
CA VAL A 411 -4.71 -18.68 1.64
C VAL A 411 -3.60 -18.45 0.61
N ALA A 412 -3.34 -17.19 0.29
CA ALA A 412 -2.27 -16.83 -0.64
C ALA A 412 -0.91 -17.29 -0.11
N GLN A 413 -0.71 -17.12 1.20
CA GLN A 413 0.53 -17.54 1.85
C GLN A 413 0.68 -19.06 1.78
N LEU A 414 -0.40 -19.77 2.07
CA LEU A 414 -0.40 -21.22 2.04
C LEU A 414 -0.07 -21.75 0.64
N ALA A 415 -0.73 -21.18 -0.36
CA ALA A 415 -0.50 -21.59 -1.74
C ALA A 415 0.93 -21.35 -2.20
N GLY A 416 1.47 -20.18 -1.90
CA GLY A 416 2.84 -19.84 -2.26
C GLY A 416 3.87 -20.67 -1.51
N ARG A 417 3.66 -20.84 -0.21
CA ARG A 417 4.57 -21.63 0.63
C ARG A 417 4.63 -23.08 0.19
N LEU A 418 3.46 -23.70 0.05
CA LEU A 418 3.37 -25.10 -0.35
C LEU A 418 3.95 -25.33 -1.74
N ALA A 419 3.69 -24.40 -2.66
CA ALA A 419 4.23 -24.51 -4.01
C ALA A 419 5.76 -24.40 -4.02
N ALA A 420 6.28 -23.53 -3.17
CA ALA A 420 7.73 -23.38 -3.04
C ALA A 420 8.36 -24.63 -2.45
N GLN A 421 7.58 -25.38 -1.67
CA GLN A 421 8.08 -26.61 -1.04
C GLN A 421 7.76 -27.85 -1.86
N GLY A 422 7.36 -27.66 -3.13
CA GLY A 422 7.22 -28.76 -4.06
C GLY A 422 5.81 -29.21 -4.40
N ALA A 423 4.82 -28.71 -3.67
CA ALA A 423 3.44 -29.17 -3.87
C ALA A 423 2.82 -28.72 -5.20
N ARG A 424 1.86 -29.50 -5.68
CA ARG A 424 1.06 -29.09 -6.83
C ARG A 424 -0.19 -28.38 -6.32
N VAL A 425 -0.28 -27.08 -6.59
CA VAL A 425 -1.35 -26.26 -6.04
C VAL A 425 -2.27 -25.70 -7.13
N TYR A 426 -3.58 -25.83 -6.93
CA TYR A 426 -4.56 -25.17 -7.78
C TYR A 426 -5.34 -24.16 -6.93
N ALA A 427 -5.50 -22.95 -7.45
CA ALA A 427 -6.14 -21.88 -6.67
C ALA A 427 -7.33 -21.28 -7.43
N TYR A 428 -8.37 -20.88 -6.69
CA TYR A 428 -9.56 -20.29 -7.29
C TYR A 428 -10.06 -19.08 -6.51
N ILE A 429 -10.80 -18.21 -7.19
CA ILE A 429 -11.67 -17.27 -6.50
C ILE A 429 -13.12 -17.53 -6.94
N PHE A 430 -14.01 -17.74 -5.98
CA PHE A 430 -15.41 -18.02 -6.28
C PHE A 430 -16.21 -16.73 -6.22
N GLU A 431 -16.82 -16.36 -7.35
CA GLU A 431 -17.39 -15.02 -7.50
C GLU A 431 -18.89 -14.98 -7.77
N HIS A 432 -19.53 -16.14 -7.89
CA HIS A 432 -20.97 -16.16 -8.16
C HIS A 432 -21.83 -16.02 -6.91
N ARG A 433 -22.72 -15.04 -6.92
CA ARG A 433 -23.70 -14.89 -5.85
C ARG A 433 -24.97 -15.65 -6.22
N ALA A 434 -25.35 -16.58 -5.36
CA ALA A 434 -26.55 -17.39 -5.59
C ALA A 434 -27.78 -16.51 -5.77
N SER A 435 -28.62 -16.84 -6.73
CA SER A 435 -29.87 -16.11 -6.96
C SER A 435 -30.81 -16.27 -5.77
N THR A 436 -30.51 -17.27 -4.94
CA THR A 436 -31.34 -17.63 -3.80
C THR A 436 -30.82 -17.04 -2.49
N LEU A 437 -29.74 -16.28 -2.58
CA LEU A 437 -29.11 -15.70 -1.38
C LEU A 437 -30.07 -14.81 -0.59
N THR A 438 -30.14 -15.03 0.72
CA THR A 438 -31.05 -14.29 1.60
C THR A 438 -30.39 -13.06 2.22
N TRP A 439 -29.06 -13.03 2.23
CA TRP A 439 -28.33 -11.87 2.74
C TRP A 439 -28.43 -10.71 1.74
N PRO A 440 -28.30 -9.46 2.22
CA PRO A 440 -28.44 -8.31 1.32
C PRO A 440 -27.31 -8.22 0.30
N LEU A 441 -27.50 -7.41 -0.73
CA LEU A 441 -26.55 -7.28 -1.83
C LEU A 441 -25.16 -6.78 -1.43
N TRP A 442 -25.09 -5.89 -0.44
CA TRP A 442 -23.82 -5.31 -0.04
C TRP A 442 -22.82 -6.34 0.48
N MET A 443 -23.33 -7.47 0.96
CA MET A 443 -22.47 -8.54 1.47
C MET A 443 -21.84 -9.38 0.36
N GLY A 444 -22.32 -9.21 -0.88
CA GLY A 444 -21.74 -9.87 -2.04
C GLY A 444 -21.84 -11.39 -2.01
N VAL A 445 -20.69 -12.05 -2.14
CA VAL A 445 -20.60 -13.50 -2.01
C VAL A 445 -19.93 -13.82 -0.68
N PRO A 446 -20.73 -14.05 0.37
CA PRO A 446 -20.14 -14.16 1.71
C PRO A 446 -19.43 -15.50 1.95
N HIS A 447 -18.59 -15.50 2.98
CA HIS A 447 -17.97 -16.70 3.53
C HIS A 447 -18.98 -17.84 3.57
N GLY A 448 -18.65 -18.98 2.95
CA GLY A 448 -19.49 -20.16 3.07
C GLY A 448 -20.50 -20.41 1.95
N TYR A 449 -20.64 -19.45 1.04
CA TYR A 449 -21.73 -19.54 0.06
C TYR A 449 -21.35 -20.09 -1.31
N GLU A 450 -20.21 -20.78 -1.35
CA GLU A 450 -19.83 -21.59 -2.50
C GLU A 450 -20.21 -23.04 -2.23
N ILE A 451 -20.39 -23.38 -0.96
CA ILE A 451 -20.60 -24.77 -0.52
C ILE A 451 -21.82 -25.42 -1.18
N GLU A 452 -22.93 -24.71 -1.24
CA GLU A 452 -24.16 -25.26 -1.82
C GLU A 452 -23.99 -25.61 -3.29
N PHE A 453 -23.01 -24.98 -3.94
CA PHE A 453 -22.71 -25.26 -5.35
C PHE A 453 -21.79 -26.48 -5.51
N ILE A 454 -20.76 -26.57 -4.67
CA ILE A 454 -19.87 -27.72 -4.69
C ILE A 454 -20.65 -29.01 -4.44
N PHE A 455 -21.54 -28.98 -3.45
CA PHE A 455 -22.35 -30.14 -3.12
C PHE A 455 -23.50 -30.39 -4.11
N GLY A 456 -23.72 -29.43 -5.01
CA GLY A 456 -24.66 -29.63 -6.11
C GLY A 456 -26.13 -29.46 -5.77
N LEU A 457 -26.41 -28.69 -4.72
CA LEU A 457 -27.80 -28.37 -4.35
C LEU A 457 -28.68 -27.74 -5.46
N PRO A 458 -28.09 -26.90 -6.34
CA PRO A 458 -28.92 -26.40 -7.44
C PRO A 458 -29.64 -27.48 -8.27
N LEU A 459 -29.15 -28.71 -8.21
CA LEU A 459 -29.77 -29.82 -8.93
C LEU A 459 -31.10 -30.24 -8.30
N ASP A 460 -31.36 -29.76 -7.08
CA ASP A 460 -32.63 -29.98 -6.41
C ASP A 460 -33.68 -29.05 -7.00
N PRO A 461 -34.67 -29.60 -7.71
CA PRO A 461 -35.72 -28.83 -8.38
C PRO A 461 -36.47 -27.89 -7.44
N SER A 462 -36.72 -28.36 -6.22
CA SER A 462 -37.51 -27.61 -5.24
C SER A 462 -36.82 -26.36 -4.69
N LEU A 463 -35.55 -26.17 -5.03
CA LEU A 463 -34.76 -25.08 -4.47
C LEU A 463 -34.76 -23.78 -5.30
N ASN A 464 -35.30 -23.84 -6.50
CA ASN A 464 -35.48 -22.66 -7.36
C ASN A 464 -34.23 -21.92 -7.79
N TYR A 465 -33.13 -22.65 -7.98
CA TYR A 465 -31.94 -22.09 -8.64
C TYR A 465 -32.25 -21.96 -10.13
N THR A 466 -31.49 -21.12 -10.82
CA THR A 466 -31.67 -20.97 -12.27
C THR A 466 -31.04 -22.15 -13.02
N THR A 467 -31.43 -22.32 -14.28
CA THR A 467 -30.87 -23.36 -15.14
C THR A 467 -29.37 -23.18 -15.27
N GLU A 468 -28.93 -21.92 -15.41
CA GLU A 468 -27.51 -21.60 -15.51
C GLU A 468 -26.75 -21.97 -14.24
N GLU A 469 -27.41 -21.82 -13.09
CA GLU A 469 -26.79 -22.19 -11.82
C GLU A 469 -26.66 -23.70 -11.66
N ARG A 470 -27.55 -24.44 -12.29
CA ARG A 470 -27.49 -25.90 -12.30
C ARG A 470 -26.26 -26.37 -13.07
N ILE A 471 -26.04 -25.77 -14.23
CA ILE A 471 -24.89 -26.09 -15.09
C ILE A 471 -23.58 -25.71 -14.38
N PHE A 472 -23.58 -24.54 -13.76
CA PHE A 472 -22.44 -24.07 -12.97
C PHE A 472 -22.11 -25.06 -11.87
N ALA A 473 -23.13 -25.53 -11.16
CA ALA A 473 -22.93 -26.49 -10.07
C ALA A 473 -22.28 -27.77 -10.59
N GLN A 474 -22.77 -28.28 -11.72
CA GLN A 474 -22.25 -29.50 -12.31
C GLN A 474 -20.79 -29.34 -12.76
N ARG A 475 -20.44 -28.15 -13.23
CA ARG A 475 -19.05 -27.83 -13.55
C ARG A 475 -18.15 -27.97 -12.32
N LEU A 476 -18.57 -27.37 -11.21
CA LEU A 476 -17.79 -27.36 -9.99
C LEU A 476 -17.63 -28.76 -9.38
N MET A 477 -18.72 -29.53 -9.41
CA MET A 477 -18.69 -30.91 -8.93
C MET A 477 -17.69 -31.73 -9.74
N LYS A 478 -17.58 -31.42 -11.02
CA LYS A 478 -16.62 -32.08 -11.91
C LYS A 478 -15.17 -31.70 -11.57
N TYR A 479 -14.92 -30.40 -11.38
CA TYR A 479 -13.60 -29.94 -10.96
C TYR A 479 -13.16 -30.65 -9.70
N TRP A 480 -14.05 -30.66 -8.71
CA TRP A 480 -13.76 -31.25 -7.40
C TRP A 480 -13.52 -32.76 -7.47
N THR A 481 -14.36 -33.47 -8.21
CA THR A 481 -14.21 -34.92 -8.34
C THR A 481 -13.04 -35.31 -9.24
N ASN A 482 -12.81 -34.53 -10.30
CA ASN A 482 -11.62 -34.72 -11.13
C ASN A 482 -10.36 -34.60 -10.29
N PHE A 483 -10.30 -33.57 -9.46
CA PHE A 483 -9.17 -33.36 -8.57
C PHE A 483 -9.02 -34.53 -7.62
N ALA A 484 -10.13 -34.98 -7.04
CA ALA A 484 -10.11 -36.11 -6.13
C ALA A 484 -9.58 -37.37 -6.82
N ARG A 485 -10.01 -37.57 -8.06
CA ARG A 485 -9.62 -38.76 -8.82
C ARG A 485 -8.17 -38.73 -9.28
N THR A 486 -7.70 -37.56 -9.72
CA THR A 486 -6.43 -37.46 -10.45
C THR A 486 -5.42 -36.49 -9.85
N GLY A 487 -5.87 -35.58 -9.01
CA GLY A 487 -5.01 -34.52 -8.52
C GLY A 487 -4.97 -33.37 -9.50
N ASP A 488 -5.91 -33.38 -10.44
CA ASP A 488 -6.02 -32.36 -11.48
C ASP A 488 -7.49 -32.08 -11.75
N PRO A 489 -7.93 -30.83 -11.52
CA PRO A 489 -9.34 -30.48 -11.71
C PRO A 489 -9.77 -30.44 -13.18
N ASN A 490 -8.80 -30.39 -14.10
CA ASN A 490 -9.09 -30.37 -15.52
C ASN A 490 -9.56 -31.72 -16.07
N ASP A 491 -10.49 -31.68 -17.03
CA ASP A 491 -10.93 -32.88 -17.73
C ASP A 491 -9.95 -33.16 -18.88
N PRO A 492 -9.30 -34.34 -18.84
CA PRO A 492 -8.30 -34.74 -19.83
C PRO A 492 -8.86 -34.81 -21.24
N ARG A 493 -10.11 -35.23 -21.35
CA ARG A 493 -10.77 -35.40 -22.64
C ARG A 493 -11.19 -34.06 -23.23
N ASP A 494 -11.27 -33.04 -22.37
CA ASP A 494 -11.63 -31.69 -22.80
C ASP A 494 -10.39 -30.81 -22.90
N SER A 495 -9.76 -30.80 -24.06
CA SER A 495 -8.69 -29.85 -24.36
C SER A 495 -9.32 -28.57 -24.90
N LYS A 496 -10.60 -28.65 -25.21
CA LYS A 496 -11.35 -27.50 -25.72
C LYS A 496 -11.54 -26.42 -24.66
N SER A 497 -12.18 -26.78 -23.55
CA SER A 497 -12.45 -25.83 -22.47
C SER A 497 -11.18 -25.28 -21.85
N PRO A 498 -11.24 -24.04 -21.34
CA PRO A 498 -10.07 -23.38 -20.73
C PRO A 498 -9.44 -24.21 -19.62
N GLN A 499 -8.11 -24.27 -19.61
CA GLN A 499 -7.41 -25.08 -18.63
C GLN A 499 -7.12 -24.32 -17.35
N TRP A 500 -7.15 -25.04 -16.23
CA TRP A 500 -6.85 -24.50 -14.91
C TRP A 500 -5.39 -24.79 -14.62
N PRO A 501 -4.54 -23.75 -14.68
CA PRO A 501 -3.10 -23.96 -14.46
C PRO A 501 -2.76 -23.98 -12.98
N PRO A 502 -1.73 -24.76 -12.61
CA PRO A 502 -1.29 -24.78 -11.21
C PRO A 502 -0.79 -23.43 -10.72
N TYR A 503 -1.01 -23.14 -9.43
CA TYR A 503 -0.48 -21.92 -8.82
C TYR A 503 1.01 -22.09 -8.58
N THR A 504 1.80 -21.10 -8.98
CA THR A 504 3.24 -21.11 -8.73
C THR A 504 3.66 -19.78 -8.13
N THR A 505 4.78 -19.76 -7.42
CA THR A 505 5.29 -18.50 -6.87
C THR A 505 5.69 -17.55 -8.00
N ALA A 506 6.18 -18.10 -9.09
CA ALA A 506 6.65 -17.29 -10.22
C ALA A 506 5.52 -16.60 -10.98
N ALA A 507 4.44 -17.32 -11.26
CA ALA A 507 3.34 -16.77 -12.07
C ALA A 507 2.08 -16.45 -11.26
N GLN A 508 1.88 -17.16 -10.15
CA GLN A 508 0.76 -16.90 -9.24
C GLN A 508 -0.60 -16.97 -9.93
N GLN A 509 -0.78 -17.97 -10.79
CA GLN A 509 -2.02 -18.12 -11.53
C GLN A 509 -3.13 -18.78 -10.69
N TYR A 510 -4.32 -18.20 -10.77
CA TYR A 510 -5.51 -18.78 -10.19
C TYR A 510 -6.67 -18.52 -11.14
N VAL A 511 -7.79 -19.22 -10.96
CA VAL A 511 -8.93 -19.07 -11.86
C VAL A 511 -10.14 -18.46 -11.18
N SER A 512 -10.99 -17.81 -11.96
CA SER A 512 -12.26 -17.30 -11.46
C SER A 512 -13.37 -18.33 -11.67
N LEU A 513 -14.08 -18.65 -10.60
CA LEU A 513 -15.22 -19.55 -10.71
C LEU A 513 -16.52 -18.75 -10.71
N ASN A 514 -17.14 -18.67 -11.88
CA ASN A 514 -18.44 -18.01 -12.03
C ASN A 514 -19.20 -18.60 -13.22
N LEU A 515 -20.31 -17.96 -13.60
CA LEU A 515 -21.14 -18.48 -14.68
C LEU A 515 -20.44 -18.50 -16.04
N LYS A 516 -19.36 -17.73 -16.15
CA LYS A 516 -18.58 -17.66 -17.38
C LYS A 516 -17.47 -18.71 -17.37
N PRO A 517 -16.94 -19.08 -18.55
CA PRO A 517 -15.86 -20.08 -18.59
C PRO A 517 -14.65 -19.63 -17.77
N LEU A 518 -13.82 -20.58 -17.35
CA LEU A 518 -12.64 -20.28 -16.53
C LEU A 518 -11.82 -19.13 -17.10
N GLU A 519 -11.48 -18.18 -16.23
CA GLU A 519 -10.60 -17.08 -16.60
C GLU A 519 -9.37 -17.11 -15.71
N VAL A 520 -8.20 -17.12 -16.32
CA VAL A 520 -6.95 -17.15 -15.56
C VAL A 520 -6.54 -15.73 -15.15
N ARG A 521 -6.33 -15.55 -13.86
CA ARG A 521 -5.83 -14.29 -13.34
C ARG A 521 -4.51 -14.53 -12.61
N ARG A 522 -3.78 -13.46 -12.35
CA ARG A 522 -2.45 -13.58 -11.75
C ARG A 522 -2.31 -12.69 -10.53
N GLY A 523 -1.78 -13.25 -9.44
CA GLY A 523 -1.58 -12.49 -8.22
C GLY A 523 -2.85 -12.41 -7.41
N LEU A 524 -2.87 -13.11 -6.28
CA LEU A 524 -4.01 -13.12 -5.39
C LEU A 524 -3.86 -11.99 -4.37
N ARG A 525 -4.31 -10.79 -4.74
CA ARG A 525 -4.16 -9.61 -3.90
C ARG A 525 -2.70 -9.46 -3.51
N ALA A 526 -1.82 -9.46 -4.51
CA ALA A 526 -0.38 -9.52 -4.30
C ALA A 526 0.15 -8.40 -3.40
N GLN A 527 -0.16 -7.15 -3.74
CA GLN A 527 0.29 -6.01 -2.96
C GLN A 527 -0.25 -6.05 -1.53
N THR A 528 -1.56 -6.20 -1.42
CA THR A 528 -2.23 -6.20 -0.12
C THR A 528 -1.78 -7.35 0.78
N CYS A 529 -1.66 -8.55 0.21
CA CYS A 529 -1.24 -9.70 1.01
C CYS A 529 0.24 -9.65 1.37
N ALA A 530 1.03 -8.95 0.56
CA ALA A 530 2.42 -8.69 0.93
C ALA A 530 2.46 -7.87 2.21
N PHE A 531 1.53 -6.93 2.32
CA PHE A 531 1.41 -6.11 3.54
C PHE A 531 1.06 -6.96 4.77
N TRP A 532 0.00 -7.78 4.66
CA TRP A 532 -0.42 -8.62 5.77
C TRP A 532 0.61 -9.70 6.11
N ASN A 533 1.17 -10.34 5.09
CA ASN A 533 2.04 -11.50 5.31
C ASN A 533 3.48 -11.14 5.66
N ARG A 534 3.99 -10.07 5.07
CA ARG A 534 5.39 -9.68 5.29
C ARG A 534 5.54 -8.55 6.31
N PHE A 535 4.82 -7.45 6.11
CA PHE A 535 5.06 -6.23 6.86
C PHE A 535 4.40 -6.18 8.23
N LEU A 536 3.11 -6.52 8.28
CA LEU A 536 2.35 -6.52 9.53
C LEU A 536 3.06 -7.21 10.72
N PRO A 537 3.65 -8.41 10.52
CA PRO A 537 4.36 -9.02 11.63
C PRO A 537 5.55 -8.20 12.13
N LYS A 538 6.29 -7.58 11.21
CA LYS A 538 7.42 -6.72 11.57
C LYS A 538 6.93 -5.56 12.43
N LEU A 539 5.77 -5.03 12.05
CA LEU A 539 5.20 -3.87 12.71
C LEU A 539 4.76 -4.21 14.12
N LEU A 540 4.23 -5.42 14.31
CA LEU A 540 3.82 -5.89 15.63
C LEU A 540 5.02 -6.07 16.57
N SER A 541 6.11 -6.60 16.02
CA SER A 541 7.32 -6.84 16.79
C SER A 541 7.93 -5.54 17.33
N ALA A 542 8.02 -4.53 16.48
CA ALA A 542 8.58 -3.24 16.88
C ALA A 542 7.70 -2.52 17.89
N GLU B 4 23.42 57.04 -28.00
CA GLU B 4 22.80 56.70 -26.72
C GLU B 4 21.30 56.47 -26.87
N ASP B 5 20.92 55.20 -27.04
CA ASP B 5 19.52 54.83 -27.13
C ASP B 5 18.82 55.12 -25.80
N PRO B 6 17.87 56.05 -25.81
CA PRO B 6 17.17 56.48 -24.58
C PRO B 6 16.26 55.39 -23.99
N GLN B 7 16.00 54.35 -24.76
CA GLN B 7 15.24 53.20 -24.27
C GLN B 7 16.12 52.31 -23.39
N LEU B 8 17.43 52.45 -23.56
CA LEU B 8 18.39 51.60 -22.84
C LEU B 8 19.07 52.36 -21.71
N LEU B 9 18.61 53.58 -21.45
CA LEU B 9 19.17 54.42 -20.39
C LEU B 9 18.15 54.57 -19.26
N VAL B 10 18.44 53.99 -18.10
CA VAL B 10 17.51 54.02 -16.98
C VAL B 10 18.16 54.59 -15.72
N ARG B 11 17.43 55.44 -15.01
CA ARG B 11 17.87 55.92 -13.71
C ARG B 11 17.17 55.16 -12.59
N VAL B 12 17.96 54.42 -11.81
CA VAL B 12 17.46 53.79 -10.58
C VAL B 12 18.00 54.58 -9.40
N ARG B 13 17.64 54.16 -8.18
CA ARG B 13 18.01 54.91 -6.98
C ARG B 13 19.51 55.03 -6.77
N GLY B 14 20.26 54.04 -7.24
CA GLY B 14 21.71 54.03 -7.10
C GLY B 14 22.42 54.85 -8.18
N GLY B 15 21.73 55.16 -9.26
CA GLY B 15 22.32 55.94 -10.34
C GLY B 15 21.86 55.49 -11.71
N GLN B 16 22.57 55.93 -12.75
CA GLN B 16 22.20 55.61 -14.13
C GLN B 16 22.70 54.25 -14.58
N LEU B 17 21.91 53.60 -15.44
CA LEU B 17 22.27 52.31 -16.02
C LEU B 17 22.15 52.38 -17.54
N ARG B 18 22.99 51.64 -18.24
CA ARG B 18 22.82 51.46 -19.69
C ARG B 18 22.63 49.99 -19.99
N GLY B 19 21.48 49.66 -20.59
CA GLY B 19 21.18 48.28 -20.95
C GLY B 19 21.63 47.98 -22.37
N ILE B 20 21.13 46.87 -22.91
CA ILE B 20 21.49 46.46 -24.26
C ILE B 20 20.26 45.98 -25.02
N ARG B 21 20.13 46.40 -26.26
CA ARG B 21 19.06 45.93 -27.12
C ARG B 21 19.41 44.55 -27.65
N LEU B 22 18.65 43.53 -27.23
CA LEU B 22 18.86 42.17 -27.71
C LEU B 22 17.83 41.82 -28.76
N LYS B 23 18.14 40.82 -29.58
CA LYS B 23 17.18 40.33 -30.57
C LYS B 23 16.53 39.03 -30.10
N ALA B 24 15.20 39.05 -30.03
CA ALA B 24 14.41 37.83 -29.84
C ALA B 24 13.81 37.52 -31.21
N PRO B 25 13.47 36.24 -31.47
CA PRO B 25 13.00 35.81 -32.79
C PRO B 25 11.90 36.70 -33.41
N GLY B 26 11.07 37.32 -32.58
CA GLY B 26 9.97 38.13 -33.08
C GLY B 26 10.13 39.64 -32.89
N GLY B 27 11.30 40.06 -32.43
CA GLY B 27 11.58 41.47 -32.24
C GLY B 27 12.59 41.74 -31.14
N PRO B 28 12.92 43.02 -30.92
CA PRO B 28 13.94 43.39 -29.93
C PRO B 28 13.42 43.39 -28.50
N VAL B 29 14.33 43.19 -27.55
CA VAL B 29 14.01 43.34 -26.12
C VAL B 29 15.09 44.19 -25.47
N SER B 30 14.74 44.86 -24.38
CA SER B 30 15.71 45.61 -23.61
C SER B 30 16.21 44.71 -22.48
N ALA B 31 17.52 44.59 -22.36
CA ALA B 31 18.11 43.78 -21.30
C ALA B 31 19.04 44.64 -20.45
N PHE B 32 18.87 44.54 -19.13
CA PHE B 32 19.74 45.26 -18.20
C PHE B 32 20.36 44.21 -17.30
N LEU B 33 21.60 43.83 -17.62
CA LEU B 33 22.23 42.67 -17.01
C LEU B 33 23.37 43.06 -16.07
N GLY B 34 23.46 42.38 -14.93
CA GLY B 34 24.53 42.62 -13.99
C GLY B 34 24.38 43.88 -13.16
N ILE B 35 23.15 44.19 -12.79
CA ILE B 35 22.88 45.33 -11.90
C ILE B 35 23.17 44.93 -10.46
N PRO B 36 24.07 45.66 -9.80
CA PRO B 36 24.38 45.35 -8.39
C PRO B 36 23.22 45.75 -7.48
N PHE B 37 22.75 44.82 -6.64
CA PHE B 37 21.69 45.13 -5.69
C PHE B 37 22.21 45.11 -4.26
N ALA B 38 23.49 44.76 -4.11
CA ALA B 38 24.11 44.68 -2.78
C ALA B 38 25.60 45.00 -2.83
N GLU B 39 26.13 45.37 -1.67
CA GLU B 39 27.58 45.46 -1.50
C GLU B 39 28.13 44.05 -1.66
N PRO B 40 29.26 43.91 -2.37
CA PRO B 40 29.89 42.59 -2.52
C PRO B 40 30.16 41.95 -1.16
N PRO B 41 29.64 40.72 -0.94
CA PRO B 41 29.73 40.02 0.34
C PRO B 41 31.10 39.37 0.54
N VAL B 42 32.16 40.16 0.46
CA VAL B 42 33.52 39.64 0.50
C VAL B 42 34.28 40.04 1.77
N GLY B 43 35.36 39.32 2.06
CA GLY B 43 36.16 39.60 3.24
C GLY B 43 35.41 39.40 4.54
N SER B 44 35.29 40.48 5.32
CA SER B 44 34.57 40.44 6.58
C SER B 44 33.07 40.26 6.40
N ARG B 45 32.63 40.34 5.14
CA ARG B 45 31.20 40.25 4.84
C ARG B 45 30.75 38.83 4.46
N ARG B 46 31.71 37.91 4.39
CA ARG B 46 31.38 36.51 4.13
C ARG B 46 30.54 35.96 5.29
N PHE B 47 29.48 35.24 4.94
CA PHE B 47 28.50 34.68 5.89
C PHE B 47 27.54 35.74 6.47
N MET B 48 27.79 37.01 6.13
CA MET B 48 26.98 38.11 6.66
C MET B 48 25.75 38.40 5.81
N PRO B 49 24.69 38.94 6.43
CA PRO B 49 23.54 39.42 5.66
C PRO B 49 23.98 40.44 4.61
N PRO B 50 23.26 40.52 3.48
CA PRO B 50 23.62 41.46 2.41
C PRO B 50 23.34 42.90 2.81
N GLU B 51 24.18 43.83 2.39
CA GLU B 51 23.93 45.25 2.62
C GLU B 51 23.56 45.91 1.31
N PRO B 52 22.67 46.92 1.35
CA PRO B 52 22.25 47.63 0.14
C PRO B 52 23.44 48.20 -0.62
N LYS B 53 23.43 48.12 -1.94
CA LYS B 53 24.51 48.62 -2.79
C LYS B 53 24.62 50.14 -2.70
N ARG B 54 25.83 50.65 -2.48
CA ARG B 54 26.05 52.09 -2.44
C ARG B 54 25.82 52.69 -3.83
N PRO B 55 25.33 53.94 -3.87
CA PRO B 55 25.12 54.65 -5.15
C PRO B 55 26.43 54.80 -5.92
N TRP B 56 26.35 54.87 -7.24
CA TRP B 56 27.55 55.01 -8.07
C TRP B 56 27.50 56.28 -8.92
N SER B 57 28.62 56.64 -9.53
CA SER B 57 28.70 57.80 -10.40
C SER B 57 28.58 57.41 -11.87
N GLY B 58 28.26 58.38 -12.72
CA GLY B 58 28.18 58.16 -14.15
C GLY B 58 27.16 57.13 -14.57
N VAL B 59 27.44 56.46 -15.70
CA VAL B 59 26.53 55.45 -16.24
C VAL B 59 27.12 54.05 -16.08
N LEU B 60 26.47 53.24 -15.25
CA LEU B 60 26.94 51.87 -15.00
C LEU B 60 26.61 50.94 -16.16
N ASP B 61 27.63 50.27 -16.68
CA ASP B 61 27.47 49.33 -17.78
C ASP B 61 26.66 48.12 -17.34
N ALA B 62 25.43 48.00 -17.87
CA ALA B 62 24.57 46.86 -17.59
C ALA B 62 24.23 46.09 -18.86
N THR B 63 25.26 45.79 -19.65
CA THR B 63 25.08 45.13 -20.94
C THR B 63 25.47 43.67 -20.91
N THR B 64 25.93 43.17 -19.76
CA THR B 64 26.43 41.80 -19.69
C THR B 64 26.25 41.15 -18.32
N PHE B 65 26.13 39.82 -18.32
CA PHE B 65 25.97 39.07 -17.08
C PHE B 65 27.18 39.23 -16.18
N GLN B 66 26.94 39.30 -14.88
CA GLN B 66 28.02 39.37 -13.90
C GLN B 66 28.45 37.98 -13.47
N ASN B 67 29.41 37.92 -12.55
CA ASN B 67 29.98 36.66 -12.11
C ASN B 67 28.98 35.75 -11.38
N VAL B 68 29.26 34.45 -11.41
CA VAL B 68 28.42 33.46 -10.74
C VAL B 68 28.89 33.31 -9.29
N CYS B 69 27.95 33.19 -8.35
CA CYS B 69 28.32 33.00 -6.95
C CYS B 69 29.16 31.75 -6.79
N TYR B 70 30.20 31.83 -5.98
CA TYR B 70 31.17 30.74 -5.86
C TYR B 70 30.49 29.45 -5.43
N GLN B 71 30.76 28.37 -6.17
CA GLN B 71 30.04 27.12 -5.99
C GLN B 71 30.80 25.93 -6.56
N TYR B 72 30.42 24.75 -6.10
CA TYR B 72 30.92 23.48 -6.64
C TYR B 72 30.55 23.36 -8.12
N VAL B 73 31.45 22.81 -8.91
CA VAL B 73 31.22 22.61 -10.34
C VAL B 73 31.14 21.11 -10.66
N ASP B 74 30.13 20.71 -11.43
CA ASP B 74 29.87 19.28 -11.66
C ASP B 74 30.87 18.61 -12.60
N THR B 75 31.28 17.40 -12.25
CA THR B 75 32.31 16.67 -12.98
C THR B 75 31.88 15.28 -13.42
N LEU B 76 30.61 14.92 -13.17
CA LEU B 76 30.12 13.58 -13.48
C LEU B 76 30.29 13.22 -14.95
N TYR B 77 29.74 14.05 -15.83
CA TYR B 77 29.87 13.85 -17.27
C TYR B 77 30.43 15.09 -17.94
N PRO B 78 31.76 15.25 -17.92
CA PRO B 78 32.42 16.43 -18.51
C PRO B 78 32.14 16.54 -20.01
N GLY B 79 31.69 17.71 -20.45
CA GLY B 79 31.41 17.92 -21.86
C GLY B 79 29.99 17.56 -22.28
N PHE B 80 29.29 16.84 -21.41
CA PHE B 80 27.92 16.40 -21.67
C PHE B 80 26.93 17.54 -21.43
N GLU B 81 26.13 17.83 -22.44
CA GLU B 81 25.22 18.98 -22.41
C GLU B 81 24.15 18.87 -21.32
N GLY B 82 23.70 17.65 -21.04
CA GLY B 82 22.69 17.41 -20.03
C GLY B 82 23.10 17.91 -18.66
N THR B 83 24.40 17.89 -18.37
CA THR B 83 24.92 18.38 -17.10
C THR B 83 25.51 19.78 -17.20
N GLU B 84 26.24 20.06 -18.28
CA GLU B 84 26.91 21.34 -18.46
C GLU B 84 25.94 22.51 -18.59
N MET B 85 24.70 22.23 -18.98
CA MET B 85 23.68 23.26 -19.12
C MET B 85 23.35 23.91 -17.78
N TRP B 86 23.69 23.22 -16.69
CA TRP B 86 23.42 23.72 -15.35
C TRP B 86 24.68 24.32 -14.71
N ASN B 87 25.84 24.02 -15.27
CA ASN B 87 27.12 24.50 -14.75
C ASN B 87 27.31 26.00 -14.99
N PRO B 88 28.12 26.66 -14.14
CA PRO B 88 28.35 28.11 -14.29
C PRO B 88 28.82 28.49 -15.68
N ASN B 89 28.23 29.53 -16.27
CA ASN B 89 28.61 29.97 -17.61
C ASN B 89 29.33 31.32 -17.58
N ARG B 90 29.60 31.81 -16.37
CA ARG B 90 30.47 32.97 -16.18
C ARG B 90 31.49 32.65 -15.09
N GLU B 91 32.48 33.51 -14.92
CA GLU B 91 33.49 33.32 -13.89
C GLU B 91 32.88 33.24 -12.49
N LEU B 92 33.49 32.41 -11.63
CA LEU B 92 33.05 32.29 -10.25
C LEU B 92 33.64 33.43 -9.41
N SER B 93 32.84 33.95 -8.48
CA SER B 93 33.31 34.99 -7.57
C SER B 93 32.37 35.10 -6.38
N GLU B 94 32.91 35.49 -5.23
CA GLU B 94 32.04 35.78 -4.08
C GLU B 94 31.37 37.12 -4.31
N ASP B 95 32.02 37.96 -5.11
CA ASP B 95 31.41 39.20 -5.60
C ASP B 95 30.44 38.82 -6.71
N CYS B 96 29.18 38.54 -6.33
CA CYS B 96 28.23 38.01 -7.30
C CYS B 96 26.79 38.46 -7.08
N LEU B 97 26.57 39.44 -6.20
CA LEU B 97 25.20 39.86 -5.93
C LEU B 97 24.70 40.86 -6.96
N TYR B 98 24.24 40.33 -8.08
CA TYR B 98 23.78 41.14 -9.20
C TYR B 98 22.47 40.57 -9.74
N LEU B 99 21.62 41.42 -10.30
CA LEU B 99 20.36 40.94 -10.87
C LEU B 99 20.20 41.35 -12.32
N ASN B 100 19.24 40.74 -13.00
CA ASN B 100 19.02 41.00 -14.41
C ASN B 100 17.56 41.37 -14.67
N VAL B 101 17.34 42.28 -15.63
CA VAL B 101 15.99 42.70 -15.99
C VAL B 101 15.79 42.64 -17.50
N TRP B 102 14.80 41.87 -17.94
CA TRP B 102 14.38 41.90 -19.35
C TRP B 102 13.03 42.61 -19.44
N THR B 103 12.90 43.53 -20.39
CA THR B 103 11.63 44.18 -20.70
C THR B 103 11.46 44.21 -22.22
N PRO B 104 10.23 44.41 -22.70
CA PRO B 104 10.08 44.62 -24.14
C PRO B 104 10.75 45.90 -24.62
N TYR B 105 11.15 45.94 -25.89
CA TYR B 105 11.67 47.13 -26.52
C TYR B 105 10.59 47.65 -27.47
N PRO B 106 10.14 48.89 -27.27
CA PRO B 106 10.59 49.82 -26.23
C PRO B 106 9.92 49.54 -24.88
N ARG B 107 10.38 50.24 -23.85
CA ARG B 107 9.81 50.15 -22.50
C ARG B 107 8.29 50.19 -22.53
N PRO B 108 7.63 49.32 -21.75
CA PRO B 108 6.17 49.24 -21.69
C PRO B 108 5.51 50.61 -21.48
N ALA B 109 4.40 50.85 -22.16
CA ALA B 109 3.68 52.12 -22.05
C ALA B 109 2.94 52.22 -20.71
N SER B 110 2.45 51.08 -20.22
CA SER B 110 1.73 51.01 -18.96
C SER B 110 2.43 50.04 -18.00
N PRO B 111 2.24 50.25 -16.68
CA PRO B 111 2.82 49.35 -15.67
C PRO B 111 2.52 47.88 -15.96
N THR B 112 3.57 47.06 -16.02
CA THR B 112 3.47 45.67 -16.47
C THR B 112 3.78 44.69 -15.33
N PRO B 113 3.00 43.61 -15.21
CA PRO B 113 3.25 42.57 -14.20
C PRO B 113 4.69 42.06 -14.26
N VAL B 114 5.31 41.89 -13.09
CA VAL B 114 6.70 41.44 -13.01
C VAL B 114 6.78 39.98 -12.59
N LEU B 115 7.58 39.21 -13.32
CA LEU B 115 7.92 37.84 -12.92
C LEU B 115 9.36 37.85 -12.40
N ILE B 116 9.56 37.29 -11.21
CA ILE B 116 10.91 37.20 -10.66
C ILE B 116 11.34 35.75 -10.51
N TRP B 117 12.38 35.36 -11.27
CA TRP B 117 12.87 33.99 -11.27
C TRP B 117 13.93 33.76 -10.20
N ILE B 118 13.74 32.70 -9.41
CA ILE B 118 14.74 32.29 -8.42
C ILE B 118 15.26 30.90 -8.78
N TYR B 119 16.51 30.82 -9.23
CA TYR B 119 17.05 29.55 -9.72
C TYR B 119 17.18 28.48 -8.64
N GLY B 120 17.21 27.22 -9.06
CA GLY B 120 17.46 26.11 -8.16
C GLY B 120 18.90 25.65 -8.27
N GLY B 121 19.18 24.48 -7.71
CA GLY B 121 20.55 23.97 -7.69
C GLY B 121 20.93 23.49 -6.30
N GLY B 122 19.95 22.98 -5.57
CA GLY B 122 20.17 22.38 -4.26
C GLY B 122 20.73 23.31 -3.19
N PHE B 123 20.58 24.62 -3.40
CA PHE B 123 21.17 25.64 -2.53
C PHE B 123 22.70 25.64 -2.50
N TYR B 124 23.31 24.84 -3.37
CA TYR B 124 24.77 24.78 -3.46
C TYR B 124 25.31 25.27 -4.80
N SER B 125 24.39 25.53 -5.74
CA SER B 125 24.78 25.87 -7.10
C SER B 125 23.71 26.68 -7.82
N GLY B 126 23.98 27.04 -9.07
CA GLY B 126 23.03 27.79 -9.87
C GLY B 126 23.49 29.21 -10.20
N ALA B 127 22.82 29.82 -11.17
CA ALA B 127 23.13 31.17 -11.61
C ALA B 127 21.99 31.71 -12.47
N ALA B 128 21.76 33.02 -12.43
CA ALA B 128 20.68 33.64 -13.20
C ALA B 128 21.06 33.80 -14.67
N SER B 129 22.31 33.50 -15.00
CA SER B 129 22.84 33.75 -16.33
C SER B 129 22.72 32.55 -17.29
N LEU B 130 22.22 31.42 -16.80
CA LEU B 130 22.09 30.23 -17.63
C LEU B 130 21.16 30.46 -18.84
N ASP B 131 21.51 29.84 -19.97
CA ASP B 131 20.70 29.96 -21.19
C ASP B 131 19.24 29.52 -21.00
N VAL B 132 18.98 28.59 -20.09
CA VAL B 132 17.61 28.12 -19.87
C VAL B 132 16.76 29.12 -19.11
N TYR B 133 17.39 30.13 -18.52
CA TYR B 133 16.69 31.16 -17.74
C TYR B 133 16.61 32.47 -18.52
N ASP B 134 16.89 32.40 -19.81
CA ASP B 134 16.87 33.58 -20.69
C ASP B 134 15.46 34.18 -20.76
N GLY B 135 15.32 35.41 -20.25
CA GLY B 135 14.01 36.05 -20.16
C GLY B 135 13.53 36.82 -21.38
N ARG B 136 14.25 36.73 -22.50
CA ARG B 136 13.92 37.51 -23.69
C ARG B 136 12.64 37.08 -24.40
N PHE B 137 12.30 35.80 -24.29
CA PHE B 137 11.14 35.27 -25.01
C PHE B 137 9.85 35.66 -24.29
N LEU B 138 9.85 35.52 -22.97
CA LEU B 138 8.73 35.96 -22.14
C LEU B 138 8.55 37.48 -22.28
N ALA B 139 9.65 38.20 -22.29
CA ALA B 139 9.61 39.66 -22.45
C ALA B 139 9.05 40.05 -23.82
N GLN B 140 9.53 39.40 -24.87
CA GLN B 140 9.12 39.76 -26.24
C GLN B 140 7.71 39.28 -26.58
N VAL B 141 7.44 38.00 -26.33
CA VAL B 141 6.17 37.40 -26.74
C VAL B 141 5.02 37.82 -25.84
N GLU B 142 5.25 37.80 -24.53
CA GLU B 142 4.20 38.08 -23.57
C GLU B 142 4.24 39.50 -22.99
N GLY B 143 5.23 40.29 -23.42
CA GLY B 143 5.38 41.65 -22.95
C GLY B 143 5.71 41.73 -21.46
N ALA B 144 6.26 40.65 -20.92
CA ALA B 144 6.54 40.59 -19.48
C ALA B 144 7.80 41.36 -19.09
N VAL B 145 7.81 41.88 -17.87
CA VAL B 145 9.04 42.38 -17.26
C VAL B 145 9.56 41.24 -16.40
N LEU B 146 10.74 40.71 -16.74
CA LEU B 146 11.28 39.57 -16.02
C LEU B 146 12.56 39.91 -15.28
N VAL B 147 12.63 39.51 -14.02
CA VAL B 147 13.79 39.75 -13.19
C VAL B 147 14.35 38.42 -12.68
N SER B 148 15.67 38.30 -12.68
CA SER B 148 16.32 37.16 -12.04
C SER B 148 17.53 37.67 -11.27
N MET B 149 17.73 37.14 -10.07
CA MET B 149 18.86 37.58 -9.25
C MET B 149 19.82 36.43 -8.93
N ASN B 150 21.09 36.76 -8.77
CA ASN B 150 22.02 35.82 -8.17
C ASN B 150 21.88 35.89 -6.66
N TYR B 151 21.99 34.75 -5.99
CA TYR B 151 22.02 34.72 -4.53
C TYR B 151 23.11 33.75 -4.08
N ARG B 152 23.73 34.03 -2.94
CA ARG B 152 24.80 33.18 -2.42
C ARG B 152 24.33 31.75 -2.16
N VAL B 153 25.18 30.79 -2.51
CA VAL B 153 24.87 29.37 -2.34
C VAL B 153 25.97 28.68 -1.53
N GLY B 154 25.72 27.44 -1.15
CA GLY B 154 26.71 26.67 -0.40
C GLY B 154 27.01 27.28 0.94
N THR B 155 28.24 27.11 1.42
CA THR B 155 28.67 27.69 2.69
C THR B 155 28.45 29.20 2.70
N PHE B 156 28.82 29.86 1.61
CA PHE B 156 28.75 31.31 1.50
C PHE B 156 27.33 31.84 1.71
N GLY B 157 26.34 31.04 1.30
CA GLY B 157 24.96 31.45 1.45
C GLY B 157 24.26 30.87 2.68
N PHE B 158 24.71 29.72 3.15
CA PHE B 158 23.92 29.00 4.16
C PHE B 158 24.68 28.36 5.32
N LEU B 159 25.99 28.56 5.39
CA LEU B 159 26.70 28.15 6.60
C LEU B 159 26.14 28.96 7.76
N ALA B 160 25.80 28.28 8.83
CA ALA B 160 25.13 28.93 9.95
C ALA B 160 25.67 28.43 11.28
N LEU B 161 25.98 29.37 12.16
CA LEU B 161 26.14 29.07 13.57
C LEU B 161 25.01 29.81 14.27
N PRO B 162 23.83 29.16 14.36
CA PRO B 162 22.60 29.78 14.87
C PRO B 162 22.82 30.49 16.20
N GLY B 163 22.40 31.75 16.28
CA GLY B 163 22.61 32.54 17.49
C GLY B 163 23.80 33.48 17.37
N SER B 164 24.74 33.15 16.50
CA SER B 164 25.95 33.97 16.33
C SER B 164 25.62 35.25 15.58
N ARG B 165 26.45 36.27 15.77
CA ARG B 165 26.31 37.51 15.02
C ARG B 165 26.93 37.38 13.63
N GLU B 166 28.07 36.69 13.55
CA GLU B 166 28.87 36.67 12.33
C GLU B 166 28.54 35.56 11.32
N ALA B 167 27.64 34.64 11.69
CA ALA B 167 27.04 33.70 10.75
C ALA B 167 25.65 33.27 11.20
N PRO B 168 24.67 34.18 11.10
CA PRO B 168 23.31 33.95 11.60
C PRO B 168 22.53 32.93 10.77
N GLY B 169 22.96 32.71 9.54
CA GLY B 169 22.29 31.74 8.66
C GLY B 169 21.32 32.39 7.70
N ASN B 170 20.93 31.65 6.66
CA ASN B 170 19.91 32.08 5.71
C ASN B 170 20.22 33.35 4.92
N VAL B 171 21.50 33.71 4.81
CA VAL B 171 21.85 34.96 4.12
C VAL B 171 21.61 34.89 2.62
N GLY B 172 21.59 33.68 2.07
CA GLY B 172 21.26 33.50 0.66
C GLY B 172 19.81 33.86 0.39
N LEU B 173 18.95 33.53 1.34
CA LEU B 173 17.54 33.93 1.28
C LEU B 173 17.40 35.44 1.44
N LEU B 174 18.26 36.02 2.27
CA LEU B 174 18.27 37.47 2.47
C LEU B 174 18.77 38.20 1.23
N ASP B 175 19.68 37.56 0.49
CA ASP B 175 20.10 38.08 -0.81
C ASP B 175 18.89 38.17 -1.72
N GLN B 176 18.09 37.09 -1.75
CA GLN B 176 16.88 37.06 -2.56
C GLN B 176 15.91 38.16 -2.14
N ARG B 177 15.72 38.30 -0.83
CA ARG B 177 14.81 39.32 -0.30
C ARG B 177 15.26 40.74 -0.68
N LEU B 178 16.57 40.99 -0.61
CA LEU B 178 17.09 42.31 -0.96
C LEU B 178 16.82 42.63 -2.42
N ALA B 179 16.91 41.61 -3.28
CA ALA B 179 16.61 41.79 -4.69
C ALA B 179 15.12 42.09 -4.87
N LEU B 180 14.29 41.45 -4.05
CA LEU B 180 12.84 41.71 -4.05
C LEU B 180 12.56 43.15 -3.64
N GLN B 181 13.28 43.65 -2.64
CA GLN B 181 13.14 45.03 -2.19
C GLN B 181 13.61 45.99 -3.27
N TRP B 182 14.69 45.62 -3.95
CA TRP B 182 15.21 46.40 -5.07
C TRP B 182 14.14 46.56 -6.14
N VAL B 183 13.41 45.49 -6.42
CA VAL B 183 12.34 45.51 -7.41
C VAL B 183 11.22 46.47 -6.99
N GLN B 184 10.81 46.39 -5.74
CA GLN B 184 9.81 47.31 -5.20
C GLN B 184 10.23 48.76 -5.40
N GLU B 185 11.50 49.06 -5.15
CA GLU B 185 12.01 50.43 -5.20
C GLU B 185 12.31 50.94 -6.62
N ASN B 186 12.64 50.03 -7.53
CA ASN B 186 13.20 50.46 -8.82
C ASN B 186 12.49 49.99 -10.09
N ILE B 187 11.67 48.95 -10.00
CA ILE B 187 11.12 48.30 -11.20
C ILE B 187 10.21 49.21 -12.05
N ALA B 188 9.60 50.21 -11.43
CA ALA B 188 8.73 51.14 -12.16
C ALA B 188 9.52 51.90 -13.23
N ALA B 189 10.80 52.11 -12.99
CA ALA B 189 11.66 52.82 -13.93
C ALA B 189 11.84 52.04 -15.23
N PHE B 190 11.57 50.73 -15.18
CA PHE B 190 11.69 49.86 -16.35
C PHE B 190 10.33 49.56 -16.96
N GLY B 191 9.27 50.09 -16.36
CA GLY B 191 7.92 49.85 -16.84
C GLY B 191 7.22 48.70 -16.13
N GLY B 192 7.83 48.22 -15.05
CA GLY B 192 7.24 47.14 -14.27
C GLY B 192 6.30 47.66 -13.19
N ASP B 193 5.30 46.85 -12.83
CA ASP B 193 4.35 47.21 -11.78
C ASP B 193 4.73 46.56 -10.46
N PRO B 194 5.23 47.37 -9.52
CA PRO B 194 5.68 46.85 -8.22
C PRO B 194 4.52 46.32 -7.38
N MET B 195 3.29 46.62 -7.80
CA MET B 195 2.10 46.12 -7.11
C MET B 195 1.57 44.83 -7.75
N SER B 196 2.28 44.32 -8.75
CA SER B 196 1.97 43.01 -9.32
C SER B 196 3.27 42.24 -9.55
N VAL B 197 3.74 41.57 -8.51
CA VAL B 197 4.99 40.84 -8.57
C VAL B 197 4.78 39.36 -8.28
N THR B 198 5.24 38.51 -9.20
CA THR B 198 5.08 37.06 -9.06
C THR B 198 6.43 36.39 -8.97
N LEU B 199 6.68 35.68 -7.87
CA LEU B 199 7.89 34.88 -7.75
C LEU B 199 7.69 33.55 -8.44
N PHE B 200 8.69 33.10 -9.18
CA PHE B 200 8.69 31.71 -9.65
C PHE B 200 10.10 31.13 -9.62
N GLY B 201 10.18 29.82 -9.36
CA GLY B 201 11.45 29.15 -9.25
C GLY B 201 11.28 27.65 -9.36
N GLU B 202 12.38 26.94 -9.52
CA GLU B 202 12.33 25.49 -9.66
C GLU B 202 13.29 24.85 -8.67
N SER B 203 12.92 23.67 -8.16
CA SER B 203 13.73 22.95 -7.18
C SER B 203 14.01 23.82 -5.95
N ALA B 204 15.28 24.04 -5.65
CA ALA B 204 15.66 24.87 -4.50
C ALA B 204 15.13 26.30 -4.62
N GLY B 205 14.93 26.74 -5.86
CA GLY B 205 14.33 28.05 -6.10
C GLY B 205 12.87 28.08 -5.74
N ALA B 206 12.18 26.97 -5.97
CA ALA B 206 10.78 26.84 -5.55
C ALA B 206 10.69 26.78 -4.04
N ALA B 207 11.60 26.04 -3.43
CA ALA B 207 11.68 25.99 -1.97
C ALA B 207 11.91 27.39 -1.41
N SER B 208 12.77 28.15 -2.07
CA SER B 208 13.03 29.54 -1.69
C SER B 208 11.77 30.38 -1.76
N VAL B 209 11.05 30.25 -2.87
CA VAL B 209 9.77 30.94 -3.06
C VAL B 209 8.82 30.63 -1.90
N GLY B 210 8.77 29.35 -1.52
CA GLY B 210 7.94 28.92 -0.41
C GLY B 210 8.34 29.53 0.92
N MET B 211 9.63 29.75 1.11
CA MET B 211 10.10 30.33 2.36
C MET B 211 9.79 31.82 2.46
N HIS B 212 9.73 32.50 1.32
CA HIS B 212 9.30 33.90 1.29
C HIS B 212 7.82 34.02 1.62
N ILE B 213 7.04 33.04 1.18
CA ILE B 213 5.62 32.96 1.55
C ILE B 213 5.49 32.82 3.06
N LEU B 214 6.40 32.06 3.66
CA LEU B 214 6.33 31.73 5.08
C LEU B 214 7.06 32.73 5.99
N SER B 215 7.80 33.66 5.38
CA SER B 215 8.56 34.63 6.16
C SER B 215 7.95 36.03 6.08
N LEU B 216 7.50 36.55 7.23
CA LEU B 216 6.80 37.83 7.28
C LEU B 216 7.42 39.03 6.53
N PRO B 217 8.72 39.30 6.73
CA PRO B 217 9.27 40.48 6.03
C PRO B 217 9.25 40.39 4.50
N SER B 218 9.11 39.18 3.96
CA SER B 218 9.05 38.99 2.50
C SER B 218 7.66 39.24 1.93
N ARG B 219 6.66 39.26 2.79
CA ARG B 219 5.26 39.24 2.36
C ARG B 219 4.78 40.52 1.65
N SER B 220 5.42 41.64 1.93
CA SER B 220 5.08 42.88 1.27
C SER B 220 5.78 43.02 -0.08
N LEU B 221 6.61 42.04 -0.43
CA LEU B 221 7.49 42.15 -1.59
C LEU B 221 6.97 41.45 -2.85
N PHE B 222 5.88 40.69 -2.71
CA PHE B 222 5.29 39.98 -3.85
C PHE B 222 3.84 39.63 -3.57
N HIS B 223 3.13 39.18 -4.59
CA HIS B 223 1.68 38.98 -4.49
C HIS B 223 1.23 37.57 -4.88
N ARG B 224 2.05 36.90 -5.68
CA ARG B 224 1.73 35.56 -6.18
C ARG B 224 3.01 34.73 -6.29
N ALA B 225 2.86 33.41 -6.33
CA ALA B 225 4.02 32.52 -6.30
C ALA B 225 3.81 31.28 -7.17
N VAL B 226 4.87 30.84 -7.82
CA VAL B 226 4.88 29.59 -8.56
C VAL B 226 5.99 28.70 -8.03
N LEU B 227 5.64 27.48 -7.62
CA LEU B 227 6.64 26.55 -7.11
C LEU B 227 6.76 25.34 -8.01
N GLN B 228 7.82 25.28 -8.79
CA GLN B 228 8.03 24.19 -9.74
C GLN B 228 8.96 23.13 -9.15
N SER B 229 8.42 21.95 -8.86
CA SER B 229 9.22 20.82 -8.40
C SER B 229 10.07 21.12 -7.16
N GLY B 230 9.48 21.75 -6.14
CA GLY B 230 10.21 22.09 -4.94
C GLY B 230 9.33 22.78 -3.91
N THR B 231 9.67 22.59 -2.64
CA THR B 231 8.85 23.09 -1.53
C THR B 231 9.74 23.42 -0.33
N PRO B 232 9.28 24.33 0.54
CA PRO B 232 9.99 24.62 1.78
C PRO B 232 9.87 23.47 2.78
N ASN B 233 8.70 22.82 2.81
CA ASN B 233 8.52 21.61 3.59
C ASN B 233 9.22 20.44 2.89
N GLY B 234 9.39 19.33 3.59
CA GLY B 234 10.06 18.18 3.00
C GLY B 234 11.41 17.89 3.62
N PRO B 235 12.07 16.81 3.16
CA PRO B 235 13.28 16.26 3.78
C PRO B 235 14.61 16.94 3.44
N TRP B 236 14.66 17.83 2.45
CA TRP B 236 15.93 18.38 1.99
C TRP B 236 16.05 19.90 2.06
N ALA B 237 14.92 20.60 2.08
CA ALA B 237 14.93 22.06 1.93
C ALA B 237 15.40 22.83 3.17
N THR B 238 15.30 22.23 4.34
CA THR B 238 15.75 22.87 5.58
C THR B 238 16.50 21.91 6.47
N VAL B 239 17.26 22.46 7.42
CA VAL B 239 17.85 21.67 8.51
C VAL B 239 17.55 22.37 9.82
N SER B 240 17.64 21.63 10.92
CA SER B 240 17.46 22.23 12.24
C SER B 240 18.66 23.09 12.60
N ALA B 241 18.51 23.90 13.64
CA ALA B 241 19.62 24.73 14.11
C ALA B 241 20.78 23.88 14.59
N GLY B 242 20.46 22.81 15.30
CA GLY B 242 21.45 21.90 15.82
C GLY B 242 22.27 21.22 14.74
N GLU B 243 21.60 20.74 13.70
CA GLU B 243 22.28 20.10 12.58
C GLU B 243 23.10 21.11 11.76
N ALA B 244 22.56 22.31 11.60
CA ALA B 244 23.29 23.38 10.94
C ALA B 244 24.60 23.70 11.65
N ARG B 245 24.52 23.90 12.97
CA ARG B 245 25.71 24.17 13.76
C ARG B 245 26.69 23.01 13.67
N ARG B 246 26.14 21.79 13.75
CA ARG B 246 26.93 20.57 13.66
C ARG B 246 27.75 20.53 12.37
N ARG B 247 27.10 20.82 11.25
CA ARG B 247 27.75 20.81 9.94
C ARG B 247 28.77 21.94 9.79
N ALA B 248 28.46 23.11 10.33
CA ALA B 248 29.37 24.25 10.25
C ALA B 248 30.65 24.01 11.05
N THR B 249 30.51 23.44 12.25
CA THR B 249 31.66 23.14 13.11
C THR B 249 32.53 22.04 12.52
N LEU B 250 31.89 21.02 11.94
CA LEU B 250 32.61 19.94 11.29
C LEU B 250 33.42 20.48 10.12
N LEU B 251 32.80 21.33 9.30
CA LEU B 251 33.49 21.95 8.16
C LEU B 251 34.69 22.77 8.62
N ALA B 252 34.50 23.54 9.69
CA ALA B 252 35.59 24.33 10.26
C ALA B 252 36.78 23.45 10.63
N ARG B 253 36.50 22.40 11.40
CA ARG B 253 37.51 21.44 11.82
C ARG B 253 38.28 20.86 10.63
N LEU B 254 37.55 20.56 9.56
CA LEU B 254 38.13 19.95 8.36
C LEU B 254 39.14 20.87 7.65
N VAL B 255 38.93 22.18 7.75
CA VAL B 255 39.81 23.14 7.08
C VAL B 255 40.81 23.81 8.04
N GLY B 256 41.05 23.18 9.18
CA GLY B 256 42.04 23.68 10.13
C GLY B 256 41.52 24.77 11.06
N CYS B 257 40.19 24.97 11.06
CA CYS B 257 39.56 25.94 11.95
C CYS B 257 38.85 25.23 13.09
N ASN B 265 34.80 29.42 20.57
CA ASN B 265 33.61 30.24 20.39
C ASN B 265 33.31 30.53 18.92
N ASP B 266 32.08 30.96 18.63
CA ASP B 266 31.65 31.22 17.26
C ASP B 266 32.50 32.27 16.53
N THR B 267 32.81 33.37 17.22
CA THR B 267 33.55 34.49 16.61
C THR B 267 34.90 34.06 16.03
N GLU B 268 35.69 33.36 16.82
CA GLU B 268 37.00 32.87 16.38
C GLU B 268 36.88 31.86 15.23
N LEU B 269 35.90 30.97 15.33
CA LEU B 269 35.68 29.95 14.31
C LEU B 269 35.35 30.60 12.96
N ILE B 270 34.45 31.58 12.98
CA ILE B 270 34.01 32.25 11.77
C ILE B 270 35.10 33.18 11.23
N ALA B 271 35.87 33.78 12.14
CA ALA B 271 37.00 34.60 11.74
C ALA B 271 38.01 33.77 10.94
N CYS B 272 38.28 32.56 11.42
CA CYS B 272 39.20 31.63 10.75
C CYS B 272 38.67 31.20 9.39
N LEU B 273 37.37 30.87 9.33
CA LEU B 273 36.73 30.45 8.09
C LEU B 273 36.81 31.53 7.01
N ARG B 274 36.77 32.79 7.44
CA ARG B 274 36.82 33.91 6.50
C ARG B 274 38.21 34.10 5.89
N THR B 275 39.22 33.50 6.52
CA THR B 275 40.59 33.56 6.01
C THR B 275 40.82 32.57 4.88
N ARG B 276 39.95 31.56 4.80
CA ARG B 276 40.11 30.47 3.84
C ARG B 276 39.65 30.85 2.43
N PRO B 277 40.47 30.56 1.42
CA PRO B 277 40.09 30.72 0.00
C PRO B 277 38.78 29.98 -0.28
N ALA B 278 37.95 30.53 -1.17
CA ALA B 278 36.62 29.99 -1.44
C ALA B 278 36.62 28.51 -1.82
N GLN B 279 37.61 28.10 -2.61
CA GLN B 279 37.67 26.71 -3.09
C GLN B 279 37.99 25.71 -1.98
N ASP B 280 38.69 26.16 -0.95
CA ASP B 280 38.96 25.32 0.22
C ASP B 280 37.65 24.91 0.91
N LEU B 281 36.72 25.86 1.02
CA LEU B 281 35.41 25.60 1.61
C LEU B 281 34.61 24.63 0.73
N VAL B 282 34.58 24.91 -0.57
CA VAL B 282 33.90 24.06 -1.53
C VAL B 282 34.47 22.64 -1.56
N ASP B 283 35.79 22.53 -1.42
CA ASP B 283 36.46 21.22 -1.39
C ASP B 283 35.93 20.28 -0.30
N HIS B 284 35.44 20.86 0.80
CA HIS B 284 35.02 20.07 1.96
C HIS B 284 33.52 20.15 2.21
N GLU B 285 32.81 20.78 1.29
CA GLU B 285 31.36 21.00 1.40
C GLU B 285 30.60 19.69 1.61
N TRP B 286 31.07 18.63 0.95
CA TRP B 286 30.31 17.38 0.89
C TRP B 286 30.70 16.35 1.95
N HIS B 287 31.56 16.75 2.88
CA HIS B 287 32.05 15.86 3.91
C HIS B 287 31.25 15.96 5.21
N VAL B 288 30.28 16.86 5.24
CA VAL B 288 29.52 17.13 6.47
C VAL B 288 28.14 16.47 6.52
N LEU B 289 27.73 15.81 5.44
CA LEU B 289 26.48 15.05 5.44
C LEU B 289 26.58 13.84 6.37
N PRO B 290 25.55 13.65 7.23
CA PRO B 290 25.53 12.59 8.25
C PRO B 290 25.44 11.18 7.68
N GLN B 291 24.82 11.02 6.51
CA GLN B 291 24.74 9.71 5.87
C GLN B 291 25.09 9.79 4.39
N GLU B 292 25.44 8.65 3.81
CA GLU B 292 25.55 8.55 2.36
C GLU B 292 24.14 8.73 1.81
N SER B 293 23.96 9.65 0.87
CA SER B 293 22.62 10.01 0.44
C SER B 293 22.59 10.65 -0.95
N ILE B 294 21.38 10.76 -1.50
CA ILE B 294 21.13 11.59 -2.67
C ILE B 294 19.96 12.51 -2.36
N PHE B 295 19.85 13.59 -3.13
CA PHE B 295 18.84 14.62 -2.91
C PHE B 295 18.96 15.18 -1.49
N ARG B 296 20.20 15.31 -1.03
CA ARG B 296 20.48 15.93 0.25
C ARG B 296 21.67 16.87 0.12
N PHE B 297 21.55 18.07 0.69
CA PHE B 297 22.54 19.10 0.47
C PHE B 297 23.08 19.62 1.81
N SER B 298 24.37 19.91 1.85
CA SER B 298 25.05 20.23 3.09
C SER B 298 24.59 21.54 3.73
N PHE B 299 24.53 22.60 2.93
CA PHE B 299 24.21 23.92 3.45
C PHE B 299 22.96 24.53 2.82
N VAL B 300 21.87 24.46 3.59
CA VAL B 300 20.53 24.84 3.14
C VAL B 300 19.93 25.75 4.20
N PRO B 301 18.76 26.36 3.90
CA PRO B 301 18.09 27.18 4.93
C PRO B 301 17.93 26.50 6.30
N VAL B 302 18.06 27.28 7.37
CA VAL B 302 17.97 26.74 8.72
C VAL B 302 16.74 27.26 9.44
N VAL B 303 16.03 26.39 10.14
CA VAL B 303 14.92 26.80 11.00
C VAL B 303 15.50 27.44 12.25
N ASP B 304 15.44 28.77 12.33
CA ASP B 304 16.18 29.54 13.32
C ASP B 304 15.29 30.28 14.30
N GLY B 305 13.99 30.33 14.00
CA GLY B 305 13.08 31.13 14.80
C GLY B 305 13.06 32.57 14.33
N ASP B 306 13.89 32.88 13.32
CA ASP B 306 13.98 34.23 12.79
C ASP B 306 13.34 34.32 11.39
N PHE B 307 14.11 34.00 10.35
CA PHE B 307 13.57 33.99 8.99
C PHE B 307 12.34 33.09 8.95
N LEU B 308 12.46 31.93 9.60
CA LEU B 308 11.35 31.01 9.76
C LEU B 308 11.05 30.88 11.25
N SER B 309 9.83 31.24 11.66
CA SER B 309 9.45 31.22 13.08
C SER B 309 9.24 29.80 13.58
N ASP B 310 9.05 28.87 12.65
CA ASP B 310 8.85 27.46 12.97
C ASP B 310 9.17 26.64 11.72
N THR B 311 9.01 25.32 11.81
CA THR B 311 9.21 24.46 10.65
C THR B 311 8.18 24.81 9.58
N PRO B 312 8.57 24.69 8.30
CA PRO B 312 7.63 24.90 7.19
C PRO B 312 6.37 24.04 7.34
N GLU B 313 6.54 22.78 7.73
CA GLU B 313 5.40 21.88 7.98
C GLU B 313 4.42 22.47 8.99
N ALA B 314 4.94 23.10 10.03
CA ALA B 314 4.09 23.73 11.03
C ALA B 314 3.42 24.99 10.48
N LEU B 315 4.19 25.81 9.76
CA LEU B 315 3.70 27.10 9.28
C LEU B 315 2.64 27.01 8.17
N ILE B 316 2.73 25.97 7.33
CA ILE B 316 1.73 25.78 6.28
C ILE B 316 0.45 25.17 6.84
N ASN B 317 0.50 24.74 8.10
CA ASN B 317 -0.63 24.07 8.73
C ASN B 317 -1.50 25.01 9.58
N THR B 318 -1.00 26.21 9.85
CA THR B 318 -1.66 27.13 10.78
C THR B 318 -1.95 28.52 10.20
N GLY B 319 -1.27 28.88 9.12
CA GLY B 319 -1.41 30.22 8.57
C GLY B 319 -2.77 30.52 7.95
N ASP B 320 -3.09 31.82 7.84
CA ASP B 320 -4.23 32.26 7.04
C ASP B 320 -3.70 32.72 5.69
N PHE B 321 -3.93 31.90 4.66
CA PHE B 321 -3.38 32.16 3.34
C PHE B 321 -4.45 32.58 2.34
N GLN B 322 -5.50 33.23 2.80
CA GLN B 322 -6.62 33.60 1.93
C GLN B 322 -6.25 34.58 0.82
N ASP B 323 -5.24 35.40 1.05
CA ASP B 323 -4.82 36.40 0.07
C ASP B 323 -3.86 35.83 -0.97
N LEU B 324 -3.50 34.56 -0.80
CA LEU B 324 -2.45 33.95 -1.62
C LEU B 324 -2.99 33.18 -2.84
N GLN B 325 -2.38 33.45 -3.99
CA GLN B 325 -2.58 32.61 -5.16
C GLN B 325 -1.27 31.89 -5.43
N VAL B 326 -1.35 30.60 -5.71
CA VAL B 326 -0.14 29.81 -5.89
C VAL B 326 -0.31 28.75 -6.98
N LEU B 327 0.72 28.64 -7.82
CA LEU B 327 0.76 27.64 -8.88
C LEU B 327 1.88 26.68 -8.54
N VAL B 328 1.59 25.40 -8.44
CA VAL B 328 2.59 24.41 -8.04
C VAL B 328 2.49 23.19 -8.94
N GLY B 329 3.58 22.45 -9.08
CA GLY B 329 3.54 21.23 -9.87
C GLY B 329 4.85 20.46 -9.94
N VAL B 330 4.82 19.36 -10.67
CA VAL B 330 5.94 18.43 -10.75
C VAL B 330 6.13 18.00 -12.19
N VAL B 331 7.29 17.41 -12.48
CA VAL B 331 7.50 16.75 -13.76
C VAL B 331 7.23 15.26 -13.60
N LYS B 332 7.15 14.53 -14.70
CA LYS B 332 6.74 13.13 -14.69
C LYS B 332 7.73 12.22 -13.95
N ASP B 333 9.02 12.52 -14.05
CA ASP B 333 10.05 11.67 -13.46
C ASP B 333 11.02 12.46 -12.60
N GLU B 334 10.54 12.92 -11.44
CA GLU B 334 11.31 13.78 -10.56
C GLU B 334 12.62 13.14 -10.05
N GLY B 335 12.64 11.83 -9.86
CA GLY B 335 13.75 11.17 -9.20
C GLY B 335 14.90 10.68 -10.05
N SER B 336 14.66 10.49 -11.36
CA SER B 336 15.62 9.84 -12.24
C SER B 336 17.00 10.51 -12.31
N TYR B 337 17.02 11.84 -12.31
CA TYR B 337 18.26 12.61 -12.44
C TYR B 337 19.28 12.25 -11.36
N PHE B 338 18.77 11.98 -10.16
CA PHE B 338 19.60 11.83 -8.97
C PHE B 338 20.23 10.45 -8.81
N LEU B 339 19.66 9.45 -9.49
CA LEU B 339 20.11 8.08 -9.36
C LEU B 339 21.52 7.88 -9.91
N VAL B 340 21.85 8.58 -10.99
CA VAL B 340 23.17 8.43 -11.63
C VAL B 340 24.27 9.10 -10.81
N TYR B 341 23.88 9.82 -9.76
CA TYR B 341 24.82 10.57 -8.93
C TYR B 341 25.17 9.91 -7.60
N GLY B 342 24.77 8.65 -7.40
CA GLY B 342 25.05 7.99 -6.15
C GLY B 342 24.52 6.57 -5.97
N VAL B 343 23.52 6.18 -6.74
CA VAL B 343 22.95 4.83 -6.61
C VAL B 343 23.65 3.85 -7.56
N PRO B 344 24.37 2.85 -6.99
CA PRO B 344 25.07 1.85 -7.79
C PRO B 344 24.11 1.11 -8.72
N GLY B 345 24.46 1.02 -10.00
CA GLY B 345 23.62 0.38 -11.00
C GLY B 345 23.02 1.35 -12.01
N PHE B 346 23.03 2.64 -11.68
CA PHE B 346 22.44 3.65 -12.54
C PHE B 346 23.48 4.47 -13.31
N SER B 347 23.14 4.79 -14.56
CA SER B 347 24.02 5.51 -15.47
C SER B 347 23.23 6.02 -16.66
N LYS B 348 23.64 7.15 -17.23
CA LYS B 348 22.99 7.70 -18.41
C LYS B 348 23.44 6.93 -19.65
N ASP B 349 24.47 6.12 -19.50
CA ASP B 349 25.10 5.45 -20.63
C ASP B 349 24.59 4.03 -20.89
N ASN B 350 23.66 3.56 -20.04
CA ASN B 350 22.95 2.32 -20.30
C ASN B 350 21.50 2.38 -19.82
N GLU B 351 20.80 1.26 -19.86
CA GLU B 351 19.39 1.24 -19.46
C GLU B 351 19.20 1.14 -17.95
N SER B 352 20.29 0.91 -17.23
CA SER B 352 20.28 0.93 -15.77
C SER B 352 19.29 -0.06 -15.17
N LEU B 353 19.14 -1.22 -15.80
CA LEU B 353 18.32 -2.29 -15.24
C LEU B 353 19.04 -2.84 -14.02
N ILE B 354 18.37 -2.83 -12.87
CA ILE B 354 19.02 -3.17 -11.61
C ILE B 354 18.48 -4.45 -10.96
N SER B 355 19.26 -4.99 -10.02
CA SER B 355 18.83 -6.16 -9.25
C SER B 355 18.02 -5.71 -8.04
N ARG B 356 17.43 -6.66 -7.33
CA ARG B 356 16.65 -6.36 -6.14
C ARG B 356 17.54 -5.91 -4.98
N ALA B 357 18.73 -6.49 -4.88
CA ALA B 357 19.70 -6.06 -3.88
C ALA B 357 20.11 -4.61 -4.11
N GLN B 358 20.23 -4.24 -5.39
CA GLN B 358 20.57 -2.86 -5.75
C GLN B 358 19.41 -1.92 -5.40
N PHE B 359 18.19 -2.39 -5.56
CA PHE B 359 17.01 -1.59 -5.22
C PHE B 359 16.97 -1.33 -3.72
N LEU B 360 17.24 -2.37 -2.93
CA LEU B 360 17.26 -2.25 -1.47
C LEU B 360 18.36 -1.30 -1.02
N ALA B 361 19.54 -1.44 -1.61
CA ALA B 361 20.67 -0.56 -1.32
C ALA B 361 20.34 0.88 -1.67
N GLY B 362 19.65 1.07 -2.80
CA GLY B 362 19.29 2.39 -3.26
C GLY B 362 18.30 3.10 -2.34
N VAL B 363 17.40 2.33 -1.72
CA VAL B 363 16.40 2.89 -0.81
C VAL B 363 17.03 3.50 0.44
N ARG B 364 18.06 2.84 0.97
CA ARG B 364 18.78 3.36 2.14
C ARG B 364 19.50 4.66 1.80
N ILE B 365 19.91 4.79 0.53
CA ILE B 365 20.58 5.99 0.05
C ILE B 365 19.57 7.08 -0.30
N GLY B 366 18.44 6.69 -0.88
CA GLY B 366 17.40 7.62 -1.25
C GLY B 366 16.56 8.08 -0.08
N VAL B 367 16.50 7.25 0.96
CA VAL B 367 15.85 7.63 2.21
C VAL B 367 16.84 7.46 3.36
N PRO B 368 17.85 8.36 3.42
CA PRO B 368 18.99 8.19 4.33
C PRO B 368 18.62 8.24 5.81
N GLN B 369 17.48 8.85 6.13
N GLN B 369 17.47 8.83 6.13
CA GLN B 369 17.03 8.96 7.51
CA GLN B 369 17.05 8.95 7.52
C GLN B 369 16.22 7.76 7.97
C GLN B 369 16.17 7.79 7.96
N ALA B 370 15.92 6.85 7.05
CA ALA B 370 15.09 5.69 7.35
C ALA B 370 15.75 4.69 8.28
N SER B 371 15.01 4.25 9.29
CA SER B 371 15.39 3.09 10.08
C SER B 371 15.18 1.86 9.22
N ASP B 372 15.61 0.70 9.71
CA ASP B 372 15.43 -0.54 8.96
C ASP B 372 13.97 -0.80 8.63
N LEU B 373 13.09 -0.58 9.61
CA LEU B 373 11.66 -0.81 9.44
C LEU B 373 11.02 0.14 8.44
N ALA B 374 11.41 1.41 8.51
CA ALA B 374 10.91 2.41 7.56
C ALA B 374 11.35 2.06 6.14
N ALA B 375 12.59 1.64 5.99
CA ALA B 375 13.13 1.20 4.72
C ALA B 375 12.34 0.02 4.15
N GLU B 376 12.08 -0.97 5.00
CA GLU B 376 11.28 -2.14 4.60
C GLU B 376 9.89 -1.71 4.14
N ALA B 377 9.33 -0.71 4.80
CA ALA B 377 8.01 -0.21 4.44
C ALA B 377 8.02 0.40 3.04
N VAL B 378 9.07 1.16 2.74
CA VAL B 378 9.23 1.75 1.42
C VAL B 378 9.37 0.66 0.34
N VAL B 379 10.21 -0.33 0.62
CA VAL B 379 10.41 -1.47 -0.26
C VAL B 379 9.10 -2.21 -0.51
N LEU B 380 8.34 -2.39 0.57
CA LEU B 380 7.04 -3.05 0.51
C LEU B 380 6.06 -2.29 -0.40
N HIS B 381 6.03 -0.97 -0.24
CA HIS B 381 5.13 -0.14 -1.02
C HIS B 381 5.46 -0.14 -2.52
N TYR B 382 6.74 -0.05 -2.84
CA TYR B 382 7.15 0.15 -4.23
C TYR B 382 7.47 -1.12 -5.02
N THR B 383 7.60 -2.24 -4.32
CA THR B 383 7.83 -3.52 -5.00
C THR B 383 6.56 -3.98 -5.71
N ASP B 384 6.71 -4.46 -6.94
CA ASP B 384 5.65 -5.18 -7.62
C ASP B 384 5.77 -6.65 -7.21
N TRP B 385 4.94 -7.07 -6.27
CA TRP B 385 5.06 -8.41 -5.70
C TRP B 385 4.71 -9.53 -6.68
N LEU B 386 4.09 -9.18 -7.80
CA LEU B 386 3.83 -10.14 -8.86
C LEU B 386 5.12 -10.39 -9.64
N HIS B 387 5.94 -9.35 -9.79
CA HIS B 387 7.23 -9.44 -10.47
C HIS B 387 8.32 -8.76 -9.63
N PRO B 388 8.66 -9.33 -8.46
CA PRO B 388 9.49 -8.64 -7.47
C PRO B 388 10.97 -8.54 -7.85
N GLU B 389 11.38 -9.24 -8.90
CA GLU B 389 12.78 -9.23 -9.33
C GLU B 389 12.96 -8.59 -10.71
N ASP B 390 11.89 -8.03 -11.27
CA ASP B 390 11.96 -7.41 -12.59
C ASP B 390 12.81 -6.14 -12.56
N PRO B 391 13.92 -6.15 -13.31
CA PRO B 391 14.90 -5.07 -13.32
C PRO B 391 14.34 -3.74 -13.84
N THR B 392 13.43 -3.80 -14.81
CA THR B 392 12.83 -2.58 -15.35
C THR B 392 11.92 -1.92 -14.33
N HIS B 393 11.13 -2.71 -13.62
CA HIS B 393 10.26 -2.15 -12.58
C HIS B 393 11.06 -1.62 -11.40
N LEU B 394 12.07 -2.38 -10.98
CA LEU B 394 12.92 -1.98 -9.86
C LEU B 394 13.64 -0.66 -10.15
N ARG B 395 14.08 -0.49 -11.40
CA ARG B 395 14.72 0.74 -11.84
C ARG B 395 13.75 1.91 -11.74
N ASP B 396 12.57 1.77 -12.35
CA ASP B 396 11.57 2.83 -12.34
C ASP B 396 11.02 3.11 -10.95
N ALA B 397 10.96 2.08 -10.11
CA ALA B 397 10.51 2.23 -8.74
C ALA B 397 11.54 3.02 -7.91
N MET B 398 12.82 2.77 -8.16
CA MET B 398 13.89 3.51 -7.50
C MET B 398 13.77 5.00 -7.78
N SER B 399 13.47 5.34 -9.03
CA SER B 399 13.23 6.72 -9.43
C SER B 399 12.01 7.28 -8.71
N ALA B 400 10.94 6.48 -8.66
CA ALA B 400 9.70 6.90 -8.01
C ALA B 400 9.89 7.16 -6.52
N VAL B 401 10.66 6.31 -5.85
CA VAL B 401 10.95 6.49 -4.42
C VAL B 401 11.59 7.86 -4.16
N VAL B 402 12.63 8.16 -4.93
CA VAL B 402 13.35 9.43 -4.78
C VAL B 402 12.48 10.61 -5.20
N GLY B 403 11.76 10.45 -6.31
CA GLY B 403 10.90 11.51 -6.81
C GLY B 403 9.72 11.83 -5.91
N ASP B 404 9.04 10.80 -5.43
CA ASP B 404 7.88 11.00 -4.56
C ASP B 404 8.28 11.54 -3.18
N HIS B 405 9.34 10.95 -2.60
CA HIS B 405 9.81 11.34 -1.27
C HIS B 405 10.25 12.79 -1.21
N ASN B 406 10.99 13.23 -2.23
CA ASN B 406 11.62 14.54 -2.20
C ASN B 406 10.82 15.67 -2.85
N VAL B 407 9.99 15.33 -3.83
CA VAL B 407 9.29 16.36 -4.59
C VAL B 407 7.76 16.20 -4.65
N VAL B 408 7.29 15.11 -5.26
CA VAL B 408 5.87 14.95 -5.53
C VAL B 408 5.00 15.04 -4.26
N CYS B 409 5.33 14.25 -3.25
CA CYS B 409 4.54 14.26 -2.01
C CYS B 409 4.68 15.52 -1.14
N PRO B 410 5.90 16.09 -1.06
CA PRO B 410 5.96 17.41 -0.41
C PRO B 410 5.14 18.46 -1.17
N VAL B 411 5.10 18.39 -2.49
CA VAL B 411 4.27 19.31 -3.28
C VAL B 411 2.78 19.07 -3.00
N ALA B 412 2.37 17.81 -3.00
CA ALA B 412 0.98 17.46 -2.69
C ALA B 412 0.58 17.95 -1.31
N GLN B 413 1.47 17.81 -0.35
CA GLN B 413 1.24 18.28 1.00
C GLN B 413 1.09 19.80 1.06
N LEU B 414 1.96 20.52 0.36
CA LEU B 414 1.88 21.97 0.31
C LEU B 414 0.57 22.42 -0.32
N ALA B 415 0.25 21.83 -1.47
CA ALA B 415 -1.02 22.13 -2.15
C ALA B 415 -2.21 21.90 -1.23
N GLY B 416 -2.27 20.72 -0.62
CA GLY B 416 -3.34 20.39 0.31
C GLY B 416 -3.41 21.34 1.49
N ARG B 417 -2.28 21.55 2.15
CA ARG B 417 -2.22 22.42 3.32
C ARG B 417 -2.64 23.87 2.99
N LEU B 418 -2.03 24.45 1.96
CA LEU B 418 -2.34 25.83 1.57
C LEU B 418 -3.82 26.00 1.19
N ALA B 419 -4.34 25.04 0.43
CA ALA B 419 -5.75 25.08 0.05
C ALA B 419 -6.65 25.02 1.27
N ALA B 420 -6.31 24.17 2.23
CA ALA B 420 -7.09 24.04 3.46
C ALA B 420 -7.07 25.35 4.26
N GLN B 421 -5.99 26.10 4.12
CA GLN B 421 -5.85 27.36 4.86
C GLN B 421 -6.31 28.57 4.05
N GLY B 422 -7.05 28.32 2.98
CA GLY B 422 -7.73 29.38 2.26
C GLY B 422 -7.06 29.91 0.99
N ALA B 423 -5.93 29.33 0.62
CA ALA B 423 -5.20 29.79 -0.56
C ALA B 423 -5.87 29.32 -1.85
N ARG B 424 -5.69 30.09 -2.92
CA ARG B 424 -6.09 29.65 -4.26
C ARG B 424 -4.91 28.90 -4.88
N VAL B 425 -5.10 27.61 -5.14
CA VAL B 425 -4.01 26.76 -5.62
C VAL B 425 -4.33 26.15 -6.99
N TYR B 426 -3.37 26.22 -7.89
CA TYR B 426 -3.45 25.49 -9.16
C TYR B 426 -2.28 24.50 -9.21
N ALA B 427 -2.57 23.26 -9.62
CA ALA B 427 -1.54 22.22 -9.66
C ALA B 427 -1.41 21.58 -11.03
N TYR B 428 -0.21 21.16 -11.39
CA TYR B 428 0.03 20.55 -12.70
C TYR B 428 0.98 19.37 -12.60
N ILE B 429 0.91 18.48 -13.59
CA ILE B 429 2.01 17.54 -13.83
C ILE B 429 2.52 17.75 -15.25
N PHE B 430 3.82 18.00 -15.37
CA PHE B 430 4.45 18.23 -16.67
C PHE B 430 4.96 16.90 -17.21
N GLU B 431 4.42 16.48 -18.36
CA GLU B 431 4.66 15.12 -18.86
C GLU B 431 5.37 15.06 -20.21
N HIS B 432 5.67 16.20 -20.81
CA HIS B 432 6.30 16.19 -22.13
C HIS B 432 7.82 16.07 -22.08
N ARG B 433 8.36 15.05 -22.74
CA ARG B 433 9.80 14.90 -22.87
C ARG B 433 10.29 15.61 -24.12
N ALA B 434 11.17 16.59 -23.94
CA ALA B 434 11.70 17.36 -25.07
C ALA B 434 12.32 16.46 -26.13
N SER B 435 12.06 16.78 -27.39
CA SER B 435 12.62 16.04 -28.51
C SER B 435 14.13 16.17 -28.54
N THR B 436 14.63 17.23 -27.93
CA THR B 436 16.05 17.56 -27.93
C THR B 436 16.75 17.07 -26.67
N LEU B 437 16.04 16.33 -25.83
CA LEU B 437 16.60 15.83 -24.57
C LEU B 437 17.83 14.95 -24.80
N THR B 438 18.88 15.20 -24.04
CA THR B 438 20.17 14.53 -24.21
C THR B 438 20.35 13.34 -23.27
N TRP B 439 19.53 13.27 -22.22
CA TRP B 439 19.52 12.13 -21.32
C TRP B 439 18.82 10.94 -21.99
N PRO B 440 19.12 9.70 -21.55
CA PRO B 440 18.50 8.52 -22.16
C PRO B 440 17.00 8.42 -21.87
N LEU B 441 16.30 7.57 -22.62
CA LEU B 441 14.84 7.42 -22.51
C LEU B 441 14.34 6.98 -21.14
N TRP B 442 15.11 6.14 -20.46
CA TRP B 442 14.68 5.58 -19.17
C TRP B 442 14.48 6.65 -18.10
N MET B 443 15.16 7.78 -18.26
CA MET B 443 15.05 8.86 -17.28
C MET B 443 13.78 9.70 -17.48
N GLY B 444 13.08 9.46 -18.58
CA GLY B 444 11.79 10.11 -18.83
C GLY B 444 11.84 11.61 -18.93
N VAL B 445 10.98 12.28 -18.16
CA VAL B 445 11.00 13.74 -18.06
C VAL B 445 11.63 14.13 -16.72
N PRO B 446 12.94 14.39 -16.72
CA PRO B 446 13.65 14.55 -15.44
C PRO B 446 13.44 15.90 -14.77
N HIS B 447 13.76 15.94 -13.48
CA HIS B 447 13.83 17.16 -12.68
C HIS B 447 14.49 18.28 -13.50
N GLY B 448 13.75 19.37 -13.69
CA GLY B 448 14.32 20.56 -14.32
C GLY B 448 14.01 20.77 -15.79
N TYR B 449 13.37 19.81 -16.44
CA TYR B 449 13.24 19.86 -17.90
C TYR B 449 11.90 20.38 -18.43
N GLU B 450 11.17 21.06 -17.56
CA GLU B 450 10.01 21.85 -17.97
C GLU B 450 10.43 23.30 -18.17
N ILE B 451 11.54 23.68 -17.53
CA ILE B 451 12.01 25.07 -17.48
C ILE B 451 12.23 25.68 -18.87
N GLU B 452 12.92 24.96 -19.74
CA GLU B 452 13.19 25.43 -21.10
C GLU B 452 11.92 25.76 -21.87
N PHE B 453 10.81 25.12 -21.49
CA PHE B 453 9.52 25.38 -22.13
C PHE B 453 8.82 26.61 -21.54
N ILE B 454 8.87 26.75 -20.22
CA ILE B 454 8.30 27.91 -19.54
C ILE B 454 8.95 29.21 -20.03
N PHE B 455 10.26 29.15 -20.28
CA PHE B 455 11.01 30.32 -20.72
C PHE B 455 10.93 30.56 -22.22
N GLY B 456 10.33 29.60 -22.94
CA GLY B 456 10.08 29.77 -24.36
C GLY B 456 11.27 29.51 -25.28
N LEU B 457 12.23 28.72 -24.81
CA LEU B 457 13.38 28.34 -25.63
C LEU B 457 13.08 27.65 -26.97
N PRO B 458 12.00 26.84 -27.05
CA PRO B 458 11.66 26.29 -28.37
C PRO B 458 11.41 27.34 -29.45
N LEU B 459 11.19 28.59 -29.06
CA LEU B 459 11.03 29.68 -30.01
C LEU B 459 12.36 30.07 -30.67
N ASP B 460 13.46 29.61 -30.08
CA ASP B 460 14.80 29.83 -30.65
C ASP B 460 15.02 28.85 -31.80
N PRO B 461 15.07 29.38 -33.04
CA PRO B 461 15.17 28.58 -34.27
C PRO B 461 16.46 27.75 -34.34
N SER B 462 17.48 28.16 -33.59
CA SER B 462 18.76 27.49 -33.60
C SER B 462 18.78 26.22 -32.74
N LEU B 463 17.68 25.94 -32.05
CA LEU B 463 17.63 24.86 -31.06
C LEU B 463 16.96 23.56 -31.55
N ASN B 464 16.30 23.62 -32.70
CA ASN B 464 15.71 22.43 -33.34
C ASN B 464 14.58 21.72 -32.59
N TYR B 465 13.78 22.47 -31.83
CA TYR B 465 12.56 21.91 -31.26
C TYR B 465 11.54 21.73 -32.38
N THR B 466 10.61 20.80 -32.21
CA THR B 466 9.56 20.59 -33.21
C THR B 466 8.58 21.76 -33.21
N THR B 467 7.76 21.84 -34.25
CA THR B 467 6.74 22.88 -34.35
C THR B 467 5.65 22.71 -33.29
N GLU B 468 5.39 21.47 -32.89
CA GLU B 468 4.43 21.21 -31.80
C GLU B 468 4.98 21.75 -30.49
N GLU B 469 6.29 21.62 -30.30
CA GLU B 469 6.94 22.07 -29.07
C GLU B 469 6.96 23.59 -28.96
N ARG B 470 7.06 24.25 -30.11
CA ARG B 470 6.97 25.70 -30.16
C ARG B 470 5.59 26.18 -29.69
N ILE B 471 4.55 25.51 -30.19
CA ILE B 471 3.17 25.80 -29.80
C ILE B 471 2.91 25.46 -28.33
N PHE B 472 3.45 24.32 -27.89
CA PHE B 472 3.35 23.90 -26.49
C PHE B 472 4.00 24.93 -25.56
N ALA B 473 5.17 25.42 -25.96
CA ALA B 473 5.90 26.42 -25.17
C ALA B 473 5.08 27.70 -25.01
N GLN B 474 4.47 28.15 -26.09
CA GLN B 474 3.64 29.35 -26.08
C GLN B 474 2.43 29.19 -25.16
N ARG B 475 1.85 28.00 -25.13
CA ARG B 475 0.76 27.69 -24.21
C ARG B 475 1.21 27.87 -22.76
N LEU B 476 2.39 27.36 -22.44
CA LEU B 476 2.90 27.40 -21.07
C LEU B 476 3.26 28.82 -20.65
N MET B 477 3.84 29.58 -21.57
CA MET B 477 4.18 30.97 -21.31
C MET B 477 2.91 31.77 -21.03
N LYS B 478 1.84 31.43 -21.74
CA LYS B 478 0.53 32.05 -21.54
C LYS B 478 -0.07 31.71 -20.17
N TYR B 479 -0.01 30.43 -19.79
CA TYR B 479 -0.46 30.00 -18.46
C TYR B 479 0.28 30.78 -17.37
N TRP B 480 1.60 30.78 -17.46
CA TRP B 480 2.45 31.42 -16.46
C TRP B 480 2.21 32.94 -16.36
N THR B 481 2.15 33.61 -17.50
CA THR B 481 1.94 35.06 -17.50
C THR B 481 0.50 35.45 -17.15
N ASN B 482 -0.47 34.63 -17.56
CA ASN B 482 -1.86 34.82 -17.14
C ASN B 482 -1.98 34.73 -15.62
N PHE B 483 -1.27 33.77 -15.02
CA PHE B 483 -1.26 33.62 -13.58
C PHE B 483 -0.66 34.85 -12.92
N ALA B 484 0.49 35.29 -13.43
CA ALA B 484 1.16 36.48 -12.92
C ALA B 484 0.23 37.69 -12.94
N ARG B 485 -0.52 37.82 -14.03
CA ARG B 485 -1.45 38.95 -14.22
C ARG B 485 -2.68 38.89 -13.32
N THR B 486 -3.24 37.70 -13.16
CA THR B 486 -4.58 37.56 -12.58
C THR B 486 -4.65 36.64 -11.36
N GLY B 487 -3.63 35.80 -11.18
CA GLY B 487 -3.70 34.77 -10.14
C GLY B 487 -4.45 33.57 -10.65
N ASP B 488 -4.64 33.51 -11.97
CA ASP B 488 -5.40 32.44 -12.62
C ASP B 488 -4.75 32.13 -13.97
N PRO B 489 -4.27 30.89 -14.15
CA PRO B 489 -3.58 30.55 -15.40
C PRO B 489 -4.52 30.45 -16.59
N ASN B 490 -5.83 30.32 -16.33
CA ASN B 490 -6.80 30.18 -17.41
C ASN B 490 -6.85 31.38 -18.34
N ASP B 491 -6.81 31.11 -19.64
CA ASP B 491 -6.91 32.16 -20.65
C ASP B 491 -8.27 32.84 -20.55
N PRO B 492 -8.30 34.09 -20.04
CA PRO B 492 -9.55 34.80 -19.73
C PRO B 492 -10.41 35.06 -20.96
N ARG B 493 -10.00 34.52 -22.09
CA ARG B 493 -10.78 34.56 -23.32
C ARG B 493 -10.63 33.22 -24.05
N ASP B 494 -11.36 32.21 -23.59
CA ASP B 494 -11.41 30.90 -24.24
C ASP B 494 -12.49 29.97 -23.67
N SER B 495 -12.85 28.95 -24.45
CA SER B 495 -13.87 27.99 -24.07
C SER B 495 -13.50 26.64 -24.67
N LYS B 496 -14.26 25.59 -24.33
CA LYS B 496 -14.05 24.26 -24.91
C LYS B 496 -12.60 23.82 -24.71
N SER B 497 -12.04 24.15 -23.54
CA SER B 497 -10.58 24.18 -23.39
C SER B 497 -9.87 22.88 -22.95
N PRO B 498 -10.28 22.27 -21.82
CA PRO B 498 -11.19 22.65 -20.75
C PRO B 498 -10.51 23.58 -19.75
N GLN B 499 -11.26 24.06 -18.76
CA GLN B 499 -10.69 24.98 -17.77
C GLN B 499 -9.76 24.27 -16.79
N TRP B 500 -8.77 25.01 -16.31
CA TRP B 500 -7.85 24.52 -15.27
C TRP B 500 -8.48 24.86 -13.92
N PRO B 501 -9.00 23.85 -13.22
CA PRO B 501 -9.69 24.11 -11.95
C PRO B 501 -8.72 24.25 -10.79
N PRO B 502 -9.09 25.03 -9.78
CA PRO B 502 -8.23 25.14 -8.57
C PRO B 502 -8.07 23.79 -7.88
N TYR B 503 -6.90 23.54 -7.31
CA TYR B 503 -6.67 22.36 -6.47
C TYR B 503 -7.34 22.58 -5.13
N THR B 504 -8.07 21.57 -4.65
CA THR B 504 -8.69 21.59 -3.33
C THR B 504 -8.33 20.31 -2.57
N THR B 505 -8.42 20.35 -1.25
CA THR B 505 -8.14 19.16 -0.43
C THR B 505 -9.10 18.03 -0.75
N ALA B 506 -10.35 18.37 -1.04
CA ALA B 506 -11.38 17.39 -1.31
C ALA B 506 -11.24 16.77 -2.70
N ALA B 507 -11.42 17.59 -3.73
CA ALA B 507 -11.40 17.10 -5.11
C ALA B 507 -9.99 16.79 -5.62
N GLN B 508 -9.00 17.54 -5.13
CA GLN B 508 -7.60 17.32 -5.48
C GLN B 508 -7.34 17.35 -6.99
N GLN B 509 -7.98 18.28 -7.68
CA GLN B 509 -7.85 18.38 -9.13
C GLN B 509 -6.55 19.05 -9.57
N TYR B 510 -5.87 18.42 -10.52
CA TYR B 510 -4.68 18.99 -11.15
C TYR B 510 -4.76 18.70 -12.64
N VAL B 511 -3.90 19.33 -13.44
CA VAL B 511 -3.95 19.11 -14.89
C VAL B 511 -2.64 18.57 -15.43
N SER B 512 -2.73 17.83 -16.53
CA SER B 512 -1.53 17.35 -17.22
C SER B 512 -1.07 18.38 -18.24
N LEU B 513 0.21 18.72 -18.20
CA LEU B 513 0.80 19.61 -19.19
C LEU B 513 1.60 18.81 -20.20
N ASN B 514 1.04 18.64 -21.39
CA ASN B 514 1.73 17.96 -22.48
C ASN B 514 1.24 18.49 -23.82
N LEU B 515 1.54 17.78 -24.90
CA LEU B 515 1.17 18.24 -26.24
C LEU B 515 -0.35 18.20 -26.46
N LYS B 516 -1.04 17.34 -25.72
CA LYS B 516 -2.49 17.22 -25.79
C LYS B 516 -3.13 18.37 -25.01
N PRO B 517 -4.41 18.67 -25.28
CA PRO B 517 -5.07 19.72 -24.49
C PRO B 517 -5.15 19.32 -23.01
N LEU B 518 -5.32 20.30 -22.11
CA LEU B 518 -5.40 20.04 -20.67
C LEU B 518 -6.33 18.88 -20.34
N GLU B 519 -5.85 17.96 -19.51
CA GLU B 519 -6.70 16.91 -18.98
C GLU B 519 -6.74 17.05 -17.47
N VAL B 520 -7.96 17.06 -16.90
CA VAL B 520 -8.12 17.21 -15.46
C VAL B 520 -8.03 15.84 -14.77
N ARG B 521 -7.15 15.74 -13.78
CA ARG B 521 -7.00 14.51 -13.01
C ARG B 521 -7.22 14.79 -11.53
N ARG B 522 -7.51 13.76 -10.75
CA ARG B 522 -7.76 13.92 -9.32
C ARG B 522 -6.84 13.05 -8.48
N GLY B 523 -6.24 13.65 -7.45
CA GLY B 523 -5.36 12.92 -6.56
C GLY B 523 -3.95 12.83 -7.07
N LEU B 524 -3.05 13.57 -6.44
CA LEU B 524 -1.64 13.62 -6.83
C LEU B 524 -0.90 12.51 -6.10
N ARG B 525 -0.87 11.32 -6.71
CA ARG B 525 -0.26 10.15 -6.08
C ARG B 525 -0.86 9.96 -4.68
N ALA B 526 -2.19 10.00 -4.60
CA ALA B 526 -2.90 10.09 -3.32
C ALA B 526 -2.54 9.00 -2.33
N GLN B 527 -2.62 7.75 -2.75
CA GLN B 527 -2.30 6.61 -1.89
C GLN B 527 -0.84 6.65 -1.44
N THR B 528 0.05 6.79 -2.41
CA THR B 528 1.48 6.81 -2.15
C THR B 528 1.89 7.98 -1.25
N CYS B 529 1.34 9.15 -1.51
CA CYS B 529 1.70 10.32 -0.73
C CYS B 529 1.12 10.30 0.69
N ALA B 530 0.01 9.60 0.87
CA ALA B 530 -0.51 9.37 2.21
C ALA B 530 0.52 8.56 3.01
N PHE B 531 1.17 7.61 2.35
CA PHE B 531 2.24 6.84 2.97
C PHE B 531 3.39 7.74 3.42
N TRP B 532 3.91 8.56 2.50
CA TRP B 532 5.02 9.45 2.81
C TRP B 532 4.65 10.54 3.82
N ASN B 533 3.46 11.13 3.65
CA ASN B 533 3.08 12.28 4.47
C ASN B 533 2.46 11.95 5.83
N ARG B 534 1.76 10.82 5.92
CA ARG B 534 1.06 10.44 7.14
C ARG B 534 1.77 9.34 7.92
N PHE B 535 2.01 8.21 7.27
CA PHE B 535 2.47 7.02 7.98
C PHE B 535 3.96 7.05 8.29
N LEU B 536 4.78 7.45 7.32
CA LEU B 536 6.23 7.41 7.50
C LEU B 536 6.77 8.15 8.75
N PRO B 537 6.28 9.37 9.03
CA PRO B 537 6.75 10.03 10.26
C PRO B 537 6.39 9.25 11.53
N LYS B 538 5.20 8.64 11.57
CA LYS B 538 4.81 7.77 12.68
C LYS B 538 5.82 6.65 12.85
N LEU B 539 6.21 6.06 11.72
CA LEU B 539 7.09 4.91 11.70
C LEU B 539 8.50 5.27 12.18
N LEU B 540 8.98 6.43 11.75
CA LEU B 540 10.28 6.92 12.18
C LEU B 540 10.28 7.28 13.67
N SER B 541 9.16 7.84 14.14
CA SER B 541 8.99 8.18 15.54
C SER B 541 9.05 6.94 16.42
N ALA B 542 8.29 5.92 16.03
CA ALA B 542 8.37 4.61 16.70
C ALA B 542 9.70 3.94 16.41
N THR B 543 10.45 4.51 15.46
CA THR B 543 11.75 3.99 15.01
C THR B 543 11.62 2.61 14.37
O1 B3Z C . -18.60 -19.22 10.41
O1 B3Z C . -18.72 -19.30 10.47
S1 B3Z C . -19.39 -19.26 11.57
S1 B3Z C . -19.53 -19.33 11.62
O2 B3Z C . -19.02 -20.17 12.62
O2 B3Z C . -19.16 -20.23 12.67
N4 B3Z C . -20.98 -19.71 11.21
N4 B3Z C . -21.10 -19.78 11.24
C22 B3Z C . -21.27 -20.69 10.13
C22 B3Z C . -21.35 -20.74 10.11
C21 B3Z C . -21.37 -20.19 8.67
C21 B3Z C . -21.37 -20.19 8.65
N17 B3Z C . -20.03 -20.37 7.97
N17 B3Z C . -20.02 -20.37 7.97
C16 B3Z C . -19.96 -19.35 6.85
C16 B3Z C . -19.92 -19.36 6.86
C20 B3Z C . -20.35 -17.93 7.26
C20 B3Z C . -20.35 -17.95 7.25
C5 B3Z C . -19.63 -17.72 12.30
C5 B3Z C . -19.70 -17.77 12.33
C6 B3Z C . -18.71 -16.63 12.30
C6 B3Z C . -20.98 -17.31 12.71
C7 B3Z C . -19.01 -15.40 12.89
C7 B3Z C . -21.23 -16.07 13.29
C8 B3Z C . -20.22 -15.17 13.50
C8 B3Z C . -20.19 -15.19 13.53
C9 B3Z C . -21.16 -16.18 13.53
C9 B3Z C . -18.90 -15.57 13.18
C10 B3Z C . -20.85 -17.42 12.94
C10 B3Z C . -18.68 -16.83 12.59
C11 B3Z C . -19.93 -21.75 7.34
C11 B3Z C . -19.91 -21.75 7.33
F09 B3Z C . -21.74 -18.34 13.00
F09 B3Z C . -17.45 -17.13 12.32
C12 B3Z C . -19.37 -22.86 8.24
C12 B3Z C . -19.32 -22.86 8.19
C1 PEG D . -0.94 -36.12 2.96
O1 PEG D . -0.70 -36.47 1.64
C2 PEG D . 0.04 -35.17 3.57
O2 PEG D . 1.27 -35.14 2.96
C3 PEG D . 2.13 -34.07 3.12
C4 PEG D . 3.25 -34.00 2.14
O4 PEG D . 3.58 -35.17 1.49
S SO4 E . -34.14 -34.10 -4.04
O1 SO4 E . -33.41 -33.07 -4.77
O2 SO4 E . -34.85 -34.94 -4.99
O3 SO4 E . -33.20 -34.90 -3.27
O4 SO4 E . -35.10 -33.46 -3.13
C1 NAG F . -28.13 0.03 10.44
C2 NAG F . -27.84 1.45 10.87
C3 NAG F . -26.86 1.50 12.02
C4 NAG F . -27.30 0.59 13.14
C5 NAG F . -27.59 -0.80 12.63
C6 NAG F . -28.17 -1.73 13.70
C7 NAG F . -28.20 3.22 9.06
C8 NAG F . -27.64 4.07 7.96
N2 NAG F . -27.32 2.29 9.78
O3 NAG F . -26.72 2.79 12.50
O4 NAG F . -26.33 0.55 14.13
O5 NAG F . -28.46 -0.79 11.53
O6 NAG F . -29.43 -1.25 14.11
O7 NAG F . -29.39 3.30 9.34
C1 PEG G . -12.71 -49.62 12.43
O1 PEG G . -13.50 -49.66 13.56
C2 PEG G . -11.80 -48.44 12.27
O2 PEG G . -11.89 -47.46 13.24
C3 PEG G . -10.72 -46.86 13.65
C4 PEG G . -9.98 -47.52 14.77
O4 PEG G . -8.65 -47.82 14.54
C1 NAG H . -40.09 -21.66 -5.50
C2 NAG H . -40.18 -21.60 -3.99
C3 NAG H . -41.58 -21.89 -3.50
C4 NAG H . -42.59 -21.02 -4.20
C5 NAG H . -42.43 -21.07 -5.70
C6 NAG H . -42.31 -19.70 -6.37
C7 NAG H . -38.12 -21.97 -2.54
C8 NAG H . -37.16 -22.92 -1.85
N2 NAG H . -39.24 -22.51 -3.33
O3 NAG H . -41.67 -21.71 -2.13
O4 NAG H . -43.87 -21.42 -3.86
O5 NAG H . -41.34 -21.87 -6.11
O6 NAG H . -43.56 -19.36 -6.94
O7 NAG H . -37.95 -20.77 -2.44
C1 PEG I . 7.83 -27.84 20.21
O1 PEG I . 7.48 -28.21 21.50
C2 PEG I . 7.66 -26.41 19.85
O2 PEG I . 6.36 -25.99 19.59
C3 PEG I . 5.73 -25.19 20.50
C4 PEG I . 4.93 -25.88 21.56
O4 PEG I . 5.41 -25.81 22.86
C1 PEG J . -7.98 2.78 -3.37
O1 PEG J . -9.12 3.16 -4.05
C2 PEG J . -8.14 2.21 -2.00
O2 PEG J . -7.17 1.33 -1.56
C3 PEG J . -7.55 0.14 -0.98
C4 PEG J . -6.71 -1.05 -1.29
O4 PEG J . -7.19 -2.29 -0.91
C1 PEG K . -36.95 -51.69 -3.04
O1 PEG K . -36.40 -50.65 -3.77
C2 PEG K . -36.11 -52.89 -2.78
O2 PEG K . -36.75 -53.99 -2.23
C3 PEG K . -36.89 -54.06 -0.87
C4 PEG K . -38.22 -54.47 -0.33
O4 PEG K . -38.58 -54.02 0.92
O1 B3Z L . 19.54 19.88 -9.12
S1 B3Z L . 20.95 19.99 -9.03
O2 B3Z L . 21.49 20.87 -8.05
N4 B3Z L . 21.64 20.50 -10.47
C22 B3Z L . 20.90 21.36 -11.44
C21 B3Z L . 19.82 20.72 -12.35
N17 B3Z L . 18.46 20.89 -11.71
C16 B3Z L . 17.58 19.77 -12.22
C20 B3Z L . 18.21 18.38 -12.12
C5 B3Z L . 21.71 18.44 -8.81
C6 B3Z L . 21.19 17.35 -8.08
C7 B3Z L . 21.86 16.13 -7.98
C8 B3Z L . 23.08 15.91 -8.60
C9 B3Z L . 23.64 16.96 -9.33
C10 B3Z L . 22.95 18.17 -9.41
C11 B3Z L . 17.82 22.20 -12.15
F09 B3Z L . 23.52 19.11 -10.09
C12 B3Z L . 18.18 23.44 -11.33
C1 PEG M . 2.97 36.91 0.28
O1 PEG M . 1.91 37.47 -0.39
C2 PEG M . 2.64 35.86 1.27
O2 PEG M . 1.31 35.79 1.64
C3 PEG M . 0.86 34.79 2.47
C4 PEG M . -0.55 34.93 2.96
O4 PEG M . -0.96 36.20 3.32
S SO4 N . 17.42 34.03 -30.64
O1 SO4 N . 17.16 34.99 -29.58
O2 SO4 N . 17.27 34.68 -31.94
O3 SO4 N . 18.78 33.51 -30.50
O4 SO4 N . 16.47 32.92 -30.53
C1 PEG O . 25.21 24.76 -22.18
O1 PEG O . 25.88 23.59 -22.48
C2 PEG O . 24.15 25.22 -23.12
O2 PEG O . 22.87 24.74 -22.96
C3 PEG O . 21.87 25.19 -23.80
C4 PEG O . 20.46 25.14 -23.29
O4 PEG O . 19.67 24.07 -23.65
C1 PEG P . 0.60 0.43 0.97
O1 PEG P . -0.03 1.41 1.72
C2 PEG P . 1.77 -0.26 1.58
O2 PEG P . 2.65 0.49 2.34
C3 PEG P . 3.13 0.00 3.52
C4 PEG P . 2.31 0.27 4.75
O4 PEG P . 2.99 0.59 5.90
C1 NAG Q . 25.32 0.64 -16.34
C2 NAG Q . 25.47 -0.81 -15.93
C3 NAG Q . 26.06 -0.91 -14.54
C4 NAG Q . 27.33 -0.10 -14.44
C5 NAG Q . 27.13 1.31 -14.91
C6 NAG Q . 28.42 2.12 -14.97
C7 NAG Q . 24.13 -2.93 -16.49
C8 NAG Q . 25.38 -3.65 -16.94
N2 NAG Q . 24.20 -1.55 -16.00
O3 NAG Q . 26.31 -2.23 -14.21
O4 NAG Q . 27.79 -0.12 -13.13
O5 NAG Q . 26.52 1.36 -16.17
O6 NAG Q . 28.75 2.40 -16.31
O7 NAG Q . 23.06 -3.51 -16.54
C1 PEG R . 3.19 1.23 -6.06
O1 PEG R . 3.74 2.37 -6.60
C2 PEG R . 3.79 -0.08 -6.44
O2 PEG R . 3.03 -0.94 -7.19
C3 PEG R . 3.60 -2.03 -7.82
C4 PEG R . 2.97 -2.49 -9.08
O4 PEG R . 1.60 -2.33 -9.20
C1 PEG S . 15.34 27.48 17.07
O1 PEG S . 15.64 28.48 17.98
C2 PEG S . 13.94 26.94 17.07
O2 PEG S . 12.90 27.81 16.85
C3 PEG S . 11.67 27.32 16.48
C4 PEG S . 10.50 27.67 17.34
O4 PEG S . 9.75 26.63 17.83
#